data_4EVI
#
_entry.id   4EVI
#
_cell.length_a   75.842
_cell.length_b   105.042
_cell.length_c   108.983
_cell.angle_alpha   90.000
_cell.angle_beta   90.000
_cell.angle_gamma   90.000
#
_symmetry.space_group_name_H-M   'P 21 21 21'
#
loop_
_entity.id
_entity.type
_entity.pdbx_description
1 polymer 'Coniferyl alcohol 9-O-methyltransferase'
2 non-polymer S-ADENOSYL-L-HOMOCYSTEINE
3 non-polymer 2-methoxy-4-[(1E)-3-methoxyprop-1-en-1-yl]phenol
4 non-polymer GLYCEROL
5 non-polymer 4-[(1E)-3-hydroxyprop-1-en-1-yl]-2-methoxyphenol
6 water water
#
_entity_poly.entity_id   1
_entity_poly.type   'polypeptide(L)'
_entity_poly.pdbx_seq_one_letter_code
;MGSSHHHHHHSSGLVPRGSHMDAATAVELLDAQPQVWHHFLGYINSMTLQCALELDIADVIHRHGHPIPLNQLAAALEIP
QTKAPFLSRLMRMLVHLGYFTQVITKPEDENDDVLPSYWLAPLSRLLLKQNPYNARSLTFCSVHEHLVDPWRQMSAWLRT
GKEDGKDTPNAFAFAHEGKKVYEVCSEDANFSQLFSEGMAGDSWLFSRALVSKCRDAFEGLSSLVDVGGGTGNTSKVIAE
TFPNIHCTVFDLPHVVSGPKQTHPNLDYESGNMFTDEIPHADAVLFKWVLCDWPDEPVLKMLKQCKKALTKNGVKGKLMI
ADHVLDHESCNDSNSMGTSLILDMLFMSFLEGSLRTEKQWAKLFAEAGFKDYKITPVGGLRVLIEVYP
;
_entity_poly.pdbx_strand_id   A,B
#
# COMPACT_ATOMS: atom_id res chain seq x y z
N MET A 21 16.80 25.73 12.44
CA MET A 21 16.42 25.28 11.10
C MET A 21 15.97 26.44 10.23
N ASP A 22 16.63 26.62 9.10
CA ASP A 22 16.23 27.70 8.20
C ASP A 22 15.01 27.31 7.37
N ALA A 23 14.39 28.32 6.77
CA ALA A 23 13.14 28.18 6.04
C ALA A 23 13.25 27.15 4.92
N ALA A 24 14.36 27.19 4.18
CA ALA A 24 14.55 26.27 3.05
C ALA A 24 14.52 24.81 3.50
N THR A 25 15.13 24.52 4.64
CA THR A 25 15.11 23.17 5.19
C THR A 25 13.68 22.79 5.61
N ALA A 26 12.98 23.71 6.26
CA ALA A 26 11.59 23.46 6.66
C ALA A 26 10.69 23.15 5.45
N VAL A 27 10.80 23.94 4.37
CA VAL A 27 10.03 23.70 3.15
C VAL A 27 10.36 22.34 2.52
N GLU A 28 11.66 22.04 2.45
CA GLU A 28 12.10 20.74 1.93
C GLU A 28 11.52 19.55 2.70
N LEU A 29 11.54 19.63 4.03
CA LEU A 29 10.98 18.56 4.86
C LEU A 29 9.45 18.48 4.71
N LEU A 30 8.81 19.65 4.63
CA LEU A 30 7.36 19.71 4.43
C LEU A 30 6.97 19.06 3.12
N ASP A 31 7.77 19.27 2.09
CA ASP A 31 7.50 18.66 0.79
C ASP A 31 7.86 17.17 0.71
N ALA A 32 8.67 16.69 1.65
CA ALA A 32 9.08 15.27 1.68
C ALA A 32 8.08 14.44 2.50
N GLN A 33 7.36 15.13 3.37
CA GLN A 33 6.40 14.50 4.25
C GLN A 33 5.35 13.68 3.50
N PRO A 34 4.87 14.17 2.34
CA PRO A 34 3.80 13.38 1.67
C PRO A 34 4.27 12.01 1.19
N GLN A 35 5.57 11.87 0.92
N GLN A 35 5.56 11.87 0.92
CA GLN A 35 6.13 10.59 0.56
CA GLN A 35 6.12 10.57 0.56
C GLN A 35 5.91 9.60 1.70
C GLN A 35 5.93 9.59 1.70
N VAL A 36 6.08 10.08 2.93
CA VAL A 36 5.89 9.26 4.13
C VAL A 36 4.39 8.90 4.32
N TRP A 37 3.52 9.89 4.18
CA TRP A 37 2.07 9.67 4.26
C TRP A 37 1.65 8.61 3.26
N HIS A 38 2.19 8.73 2.05
CA HIS A 38 1.85 7.81 0.99
C HIS A 38 2.25 6.40 1.39
N HIS A 39 3.41 6.26 2.03
CA HIS A 39 3.84 4.96 2.53
C HIS A 39 2.88 4.42 3.58
N PHE A 40 2.67 5.15 4.66
CA PHE A 40 1.83 4.60 5.72
C PHE A 40 0.35 4.52 5.36
N LEU A 41 -0.06 5.27 4.35
CA LEU A 41 -1.44 5.18 3.85
C LEU A 41 -1.59 4.17 2.69
N GLY A 42 -0.55 3.36 2.47
CA GLY A 42 -0.58 2.36 1.42
C GLY A 42 -1.84 1.49 1.45
N TYR A 43 -2.33 1.13 2.64
CA TYR A 43 -3.51 0.26 2.77
C TYR A 43 -4.76 0.87 2.12
N ILE A 44 -4.76 2.17 1.90
CA ILE A 44 -5.89 2.82 1.23
C ILE A 44 -5.97 2.33 -0.23
N ASN A 45 -4.83 2.18 -0.89
CA ASN A 45 -4.83 1.54 -2.21
C ASN A 45 -5.42 0.14 -2.14
N SER A 46 -5.03 -0.63 -1.13
CA SER A 46 -5.53 -2.01 -0.99
C SER A 46 -7.05 -2.03 -0.85
N MET A 47 -7.56 -1.20 0.05
CA MET A 47 -8.97 -1.19 0.38
C MET A 47 -9.83 -0.55 -0.69
N THR A 48 -9.32 0.46 -1.39
CA THR A 48 -10.13 1.07 -2.46
C THR A 48 -10.26 0.07 -3.61
N LEU A 49 -9.17 -0.61 -3.98
CA LEU A 49 -9.26 -1.64 -5.00
C LEU A 49 -10.21 -2.78 -4.55
N GLN A 50 -10.10 -3.23 -3.31
CA GLN A 50 -10.98 -4.31 -2.88
C GLN A 50 -12.45 -3.87 -2.96
N CYS A 51 -12.73 -2.64 -2.55
N CYS A 51 -12.72 -2.63 -2.59
CA CYS A 51 -14.08 -2.09 -2.70
CA CYS A 51 -14.07 -2.07 -2.69
C CYS A 51 -14.55 -2.19 -4.15
C CYS A 51 -14.58 -2.08 -4.13
N ALA A 52 -13.71 -1.72 -5.08
CA ALA A 52 -14.06 -1.78 -6.50
C ALA A 52 -14.44 -3.20 -6.93
N LEU A 53 -13.75 -4.21 -6.40
CA LEU A 53 -14.07 -5.61 -6.72
C LEU A 53 -15.34 -6.07 -6.02
N GLU A 54 -15.48 -5.71 -4.75
CA GLU A 54 -16.68 -6.04 -3.98
C GLU A 54 -17.93 -5.51 -4.67
N LEU A 55 -17.83 -4.29 -5.17
CA LEU A 55 -18.94 -3.62 -5.84
C LEU A 55 -19.12 -4.06 -7.30
N ASP A 56 -18.17 -4.83 -7.83
CA ASP A 56 -18.29 -5.32 -9.19
C ASP A 56 -18.25 -4.20 -10.21
N ILE A 57 -17.49 -3.14 -9.93
CA ILE A 57 -17.54 -1.95 -10.76
C ILE A 57 -17.17 -2.22 -12.23
N ALA A 58 -16.08 -2.93 -12.45
CA ALA A 58 -15.58 -3.16 -13.81
C ALA A 58 -16.62 -3.91 -14.64
N ASP A 59 -17.20 -4.94 -14.04
CA ASP A 59 -18.17 -5.78 -14.72
C ASP A 59 -19.46 -5.04 -15.02
N VAL A 60 -19.88 -4.19 -14.08
CA VAL A 60 -21.10 -3.42 -14.25
C VAL A 60 -20.93 -2.41 -15.38
N ILE A 61 -19.77 -1.74 -15.41
CA ILE A 61 -19.51 -0.80 -16.49
C ILE A 61 -19.38 -1.52 -17.82
N HIS A 62 -18.64 -2.62 -17.84
CA HIS A 62 -18.46 -3.37 -19.08
C HIS A 62 -19.81 -3.82 -19.65
N ARG A 63 -20.67 -4.35 -18.79
CA ARG A 63 -22.00 -4.78 -19.21
C ARG A 63 -22.84 -3.59 -19.73
N HIS A 64 -22.65 -2.42 -19.14
CA HIS A 64 -23.37 -1.24 -19.62
C HIS A 64 -23.05 -0.98 -21.09
N GLY A 65 -21.81 -1.24 -21.49
CA GLY A 65 -21.46 -1.27 -22.91
C GLY A 65 -20.97 0.04 -23.49
N HIS A 66 -21.07 1.12 -22.72
CA HIS A 66 -20.57 2.43 -23.12
C HIS A 66 -20.45 3.28 -21.85
N PRO A 67 -19.84 4.48 -21.94
CA PRO A 67 -19.59 5.22 -20.69
C PRO A 67 -20.88 5.41 -19.90
N ILE A 68 -20.80 5.28 -18.58
CA ILE A 68 -21.99 5.37 -17.75
C ILE A 68 -21.96 6.59 -16.82
N PRO A 69 -23.05 7.38 -16.81
CA PRO A 69 -23.08 8.54 -15.90
C PRO A 69 -23.08 8.16 -14.43
N LEU A 70 -22.63 9.07 -13.57
CA LEU A 70 -22.54 8.82 -12.13
C LEU A 70 -23.83 8.27 -11.52
N ASN A 71 -24.97 8.91 -11.82
CA ASN A 71 -26.24 8.53 -11.22
C ASN A 71 -26.70 7.12 -11.62
N GLN A 72 -26.50 6.78 -12.89
CA GLN A 72 -26.81 5.43 -13.38
C GLN A 72 -25.85 4.40 -12.77
N LEU A 73 -24.59 4.77 -12.60
CA LEU A 73 -23.63 3.84 -12.01
C LEU A 73 -24.00 3.55 -10.54
N ALA A 74 -24.38 4.59 -9.80
CA ALA A 74 -24.82 4.39 -8.43
C ALA A 74 -25.96 3.36 -8.40
N ALA A 75 -26.98 3.58 -9.21
CA ALA A 75 -28.13 2.68 -9.24
C ALA A 75 -27.70 1.26 -9.60
N ALA A 76 -26.76 1.16 -10.54
CA ALA A 76 -26.28 -0.14 -11.01
C ALA A 76 -25.50 -0.90 -9.95
N LEU A 77 -24.88 -0.16 -9.02
CA LEU A 77 -24.12 -0.75 -7.92
C LEU A 77 -24.99 -0.86 -6.66
N GLU A 78 -26.25 -0.46 -6.79
CA GLU A 78 -27.18 -0.43 -5.66
C GLU A 78 -26.68 0.48 -4.56
N ILE A 79 -25.99 1.54 -4.98
CA ILE A 79 -25.63 2.62 -4.08
C ILE A 79 -26.71 3.71 -4.15
N PRO A 80 -27.30 4.07 -3.00
CA PRO A 80 -28.37 5.07 -3.02
C PRO A 80 -27.90 6.38 -3.63
N GLN A 81 -28.80 7.07 -4.33
CA GLN A 81 -28.44 8.33 -4.98
C GLN A 81 -27.82 9.32 -3.99
N THR A 82 -28.25 9.29 -2.73
CA THR A 82 -27.70 10.18 -1.72
C THR A 82 -26.22 9.91 -1.42
N LYS A 83 -25.70 8.75 -1.86
CA LYS A 83 -24.30 8.43 -1.60
C LYS A 83 -23.44 8.55 -2.88
N ALA A 84 -24.06 9.00 -3.97
CA ALA A 84 -23.38 9.20 -5.23
C ALA A 84 -22.13 10.09 -5.16
N PRO A 85 -22.16 11.17 -4.35
CA PRO A 85 -20.96 12.00 -4.19
C PRO A 85 -19.77 11.21 -3.64
N PHE A 86 -20.02 10.26 -2.75
CA PHE A 86 -18.95 9.42 -2.24
C PHE A 86 -18.46 8.45 -3.30
N LEU A 87 -19.40 7.88 -4.05
CA LEU A 87 -19.04 7.03 -5.18
C LEU A 87 -18.17 7.81 -6.18
N SER A 88 -18.55 9.06 -6.46
CA SER A 88 -17.78 9.87 -7.38
C SER A 88 -16.32 9.98 -6.92
N ARG A 89 -16.13 10.16 -5.62
CA ARG A 89 -14.79 10.31 -5.06
C ARG A 89 -13.97 9.01 -5.14
N LEU A 90 -14.64 7.88 -4.91
CA LEU A 90 -14.01 6.58 -5.08
C LEU A 90 -13.60 6.36 -6.54
N MET A 91 -14.47 6.73 -7.48
CA MET A 91 -14.16 6.60 -8.91
C MET A 91 -12.95 7.50 -9.28
N ARG A 92 -12.92 8.71 -8.73
CA ARG A 92 -11.79 9.62 -8.99
C ARG A 92 -10.47 8.95 -8.56
N MET A 93 -10.48 8.32 -7.39
CA MET A 93 -9.32 7.53 -6.92
C MET A 93 -8.98 6.40 -7.89
N LEU A 94 -9.99 5.63 -8.30
CA LEU A 94 -9.76 4.46 -9.15
C LEU A 94 -9.33 4.85 -10.56
N VAL A 95 -9.79 6.02 -11.02
CA VAL A 95 -9.34 6.55 -12.31
C VAL A 95 -7.85 6.91 -12.22
N HIS A 96 -7.45 7.55 -11.12
CA HIS A 96 -6.04 7.89 -10.95
C HIS A 96 -5.18 6.63 -10.90
N LEU A 97 -5.68 5.59 -10.25
CA LEU A 97 -4.93 4.32 -10.16
C LEU A 97 -4.84 3.63 -11.53
N GLY A 98 -5.73 4.00 -12.45
CA GLY A 98 -5.66 3.55 -13.84
C GLY A 98 -6.63 2.45 -14.24
N TYR A 99 -7.64 2.20 -13.41
CA TYR A 99 -8.61 1.13 -13.70
C TYR A 99 -9.73 1.61 -14.59
N PHE A 100 -10.15 2.86 -14.39
CA PHE A 100 -11.25 3.41 -15.15
C PHE A 100 -10.85 4.77 -15.70
N THR A 101 -11.65 5.27 -16.64
CA THR A 101 -11.42 6.58 -17.21
C THR A 101 -12.67 7.42 -16.99
N GLN A 102 -12.53 8.73 -16.95
CA GLN A 102 -13.68 9.60 -16.96
C GLN A 102 -13.82 10.14 -18.39
N VAL A 103 -15.00 9.98 -18.97
CA VAL A 103 -15.21 10.44 -20.34
C VAL A 103 -15.88 11.80 -20.32
N ILE A 104 -15.25 12.78 -20.94
CA ILE A 104 -15.78 14.14 -20.99
C ILE A 104 -16.90 14.21 -22.02
N THR A 105 -18.07 14.67 -21.57
CA THR A 105 -19.21 14.83 -22.48
C THR A 105 -19.57 16.30 -22.68
N LYS A 106 -19.20 17.15 -21.73
CA LYS A 106 -19.46 18.59 -21.86
C LYS A 106 -18.22 19.44 -21.62
N LEU A 115 -22.69 15.76 -14.73
CA LEU A 115 -22.17 14.61 -14.01
C LEU A 115 -21.08 13.88 -14.81
N PRO A 116 -20.14 13.24 -14.10
CA PRO A 116 -19.12 12.48 -14.82
C PRO A 116 -19.70 11.21 -15.41
N SER A 117 -19.20 10.79 -16.57
CA SER A 117 -19.46 9.45 -17.09
C SER A 117 -18.17 8.64 -17.05
N TYR A 118 -18.29 7.34 -16.79
CA TYR A 118 -17.12 6.48 -16.57
C TYR A 118 -17.03 5.34 -17.57
N TRP A 119 -15.81 4.98 -17.92
CA TRP A 119 -15.55 3.88 -18.82
C TRP A 119 -14.35 3.08 -18.32
N LEU A 120 -13.96 2.06 -19.08
CA LEU A 120 -12.88 1.15 -18.69
C LEU A 120 -11.55 1.60 -19.25
N ALA A 121 -10.49 1.43 -18.46
CA ALA A 121 -9.14 1.62 -18.95
C ALA A 121 -8.52 0.24 -19.17
N PRO A 122 -7.41 0.17 -19.92
CA PRO A 122 -6.75 -1.10 -20.19
C PRO A 122 -6.51 -1.97 -18.96
N LEU A 123 -6.07 -1.35 -17.86
CA LEU A 123 -5.80 -2.11 -16.65
C LEU A 123 -7.03 -2.89 -16.16
N SER A 124 -8.23 -2.43 -16.52
CA SER A 124 -9.44 -3.09 -16.03
C SER A 124 -9.69 -4.48 -16.67
N ARG A 125 -8.96 -4.80 -17.74
CA ARG A 125 -9.01 -6.16 -18.27
C ARG A 125 -8.68 -7.17 -17.17
N LEU A 126 -7.86 -6.77 -16.21
CA LEU A 126 -7.44 -7.68 -15.14
C LEU A 126 -8.47 -7.78 -14.01
N LEU A 127 -9.53 -6.97 -14.08
CA LEU A 127 -10.60 -7.00 -13.06
C LEU A 127 -11.87 -7.70 -13.52
N LEU A 128 -12.01 -7.93 -14.82
CA LEU A 128 -13.27 -8.45 -15.35
C LEU A 128 -13.44 -9.94 -15.07
N LYS A 129 -14.55 -10.29 -14.43
CA LYS A 129 -14.88 -11.67 -14.08
C LYS A 129 -14.84 -12.65 -15.24
N GLN A 130 -15.24 -12.21 -16.42
CA GLN A 130 -15.32 -13.10 -17.58
C GLN A 130 -13.94 -13.47 -18.16
N ASN A 131 -12.88 -12.79 -17.72
CA ASN A 131 -11.54 -13.11 -18.19
C ASN A 131 -10.92 -14.17 -17.28
N PRO A 132 -10.42 -15.27 -17.86
CA PRO A 132 -9.87 -16.36 -17.04
C PRO A 132 -8.57 -15.95 -16.36
N TYR A 133 -8.02 -14.80 -16.77
CA TYR A 133 -6.78 -14.29 -16.20
C TYR A 133 -7.01 -13.12 -15.23
N ASN A 134 -8.26 -12.88 -14.83
CA ASN A 134 -8.49 -11.76 -13.93
C ASN A 134 -7.80 -11.98 -12.57
N ALA A 135 -7.52 -10.89 -11.88
CA ALA A 135 -6.81 -10.94 -10.60
C ALA A 135 -7.74 -10.78 -9.37
N ARG A 136 -9.03 -11.03 -9.54
CA ARG A 136 -9.96 -10.81 -8.43
C ARG A 136 -9.62 -11.67 -7.21
N SER A 137 -9.51 -12.97 -7.41
CA SER A 137 -9.25 -13.88 -6.28
C SER A 137 -7.93 -13.56 -5.60
N LEU A 138 -6.89 -13.28 -6.38
CA LEU A 138 -5.59 -12.96 -5.78
C LEU A 138 -5.71 -11.69 -4.92
N THR A 139 -6.49 -10.72 -5.41
CA THR A 139 -6.70 -9.48 -4.64
C THR A 139 -7.38 -9.79 -3.32
N PHE A 140 -8.48 -10.54 -3.35
CA PHE A 140 -9.21 -10.87 -2.12
C PHE A 140 -8.35 -11.66 -1.16
N CYS A 141 -7.58 -12.59 -1.71
CA CYS A 141 -6.66 -13.39 -0.91
C CYS A 141 -5.66 -12.48 -0.23
N SER A 142 -5.05 -11.60 -1.00
CA SER A 142 -3.95 -10.76 -0.53
C SER A 142 -4.31 -9.74 0.57
N VAL A 143 -5.54 -9.22 0.53
N VAL A 143 -5.55 -9.24 0.54
CA VAL A 143 -5.97 -8.21 1.50
CA VAL A 143 -6.00 -8.21 1.47
C VAL A 143 -6.82 -8.82 2.60
C VAL A 143 -6.80 -8.83 2.61
N HIS A 144 -6.93 -10.15 2.59
CA HIS A 144 -7.69 -10.87 3.61
C HIS A 144 -7.08 -10.70 4.99
N GLU A 145 -7.92 -10.78 6.02
CA GLU A 145 -7.46 -10.70 7.40
C GLU A 145 -6.33 -11.70 7.71
N HIS A 146 -6.40 -12.89 7.14
CA HIS A 146 -5.36 -13.90 7.31
C HIS A 146 -3.96 -13.37 6.98
N LEU A 147 -3.87 -12.53 5.95
CA LEU A 147 -2.55 -12.04 5.51
C LEU A 147 -2.16 -10.66 6.05
N VAL A 148 -3.14 -9.82 6.35
CA VAL A 148 -2.88 -8.49 6.88
C VAL A 148 -2.58 -8.52 8.39
N ASP A 149 -3.41 -9.21 9.16
CA ASP A 149 -3.32 -9.22 10.61
C ASP A 149 -1.94 -9.62 11.18
N PRO A 150 -1.32 -10.67 10.62
CA PRO A 150 -0.04 -11.08 11.22
C PRO A 150 1.00 -9.96 11.23
N TRP A 151 0.85 -8.96 10.37
CA TRP A 151 1.79 -7.84 10.34
C TRP A 151 1.79 -7.02 11.63
N ARG A 152 0.69 -7.05 12.37
CA ARG A 152 0.64 -6.32 13.63
C ARG A 152 1.44 -7.03 14.72
N GLN A 153 1.91 -8.24 14.42
CA GLN A 153 2.74 -9.00 15.34
C GLN A 153 4.13 -9.29 14.77
N MET A 154 4.49 -8.62 13.66
CA MET A 154 5.78 -8.83 13.01
C MET A 154 6.97 -8.44 13.90
N SER A 155 6.88 -7.29 14.55
CA SER A 155 7.94 -6.83 15.45
C SER A 155 8.13 -7.80 16.62
N ALA A 156 7.03 -8.25 17.19
CA ALA A 156 7.07 -9.25 18.25
C ALA A 156 7.70 -10.55 17.76
N TRP A 157 7.34 -10.97 16.56
CA TRP A 157 7.87 -12.21 15.99
C TRP A 157 9.37 -12.10 15.72
N LEU A 158 9.79 -10.98 15.13
CA LEU A 158 11.21 -10.73 14.88
C LEU A 158 12.03 -10.79 16.18
N ARG A 159 11.44 -10.34 17.27
CA ARG A 159 12.14 -10.33 18.56
C ARG A 159 12.01 -11.64 19.33
N THR A 160 11.39 -12.65 18.72
CA THR A 160 11.17 -13.92 19.40
C THR A 160 12.33 -14.88 19.22
N GLY A 161 12.90 -15.33 20.34
CA GLY A 161 13.99 -16.29 20.33
C GLY A 161 13.51 -17.72 20.30
N LYS A 162 14.39 -18.63 19.94
CA LYS A 162 14.02 -20.05 19.85
C LYS A 162 14.30 -20.74 21.18
N GLU A 163 13.69 -20.23 22.25
CA GLU A 163 14.00 -20.73 23.59
C GLU A 163 12.78 -20.83 24.50
N ASP A 164 12.02 -19.75 24.61
CA ASP A 164 10.83 -19.74 25.46
C ASP A 164 9.68 -20.52 24.84
N GLY A 165 9.91 -21.07 23.64
CA GLY A 165 8.97 -21.97 23.01
C GLY A 165 7.83 -21.30 22.28
N LYS A 166 7.90 -19.98 22.17
CA LYS A 166 6.83 -19.24 21.50
C LYS A 166 7.13 -19.01 20.02
N ASP A 167 8.29 -19.48 19.55
CA ASP A 167 8.72 -19.19 18.19
C ASP A 167 7.96 -19.98 17.12
N THR A 168 7.87 -19.40 15.95
CA THR A 168 7.21 -19.99 14.80
C THR A 168 8.05 -19.64 13.58
N PRO A 169 7.84 -20.32 12.45
CA PRO A 169 8.71 -20.04 11.30
C PRO A 169 8.48 -18.66 10.67
N ASN A 170 7.31 -18.06 10.91
CA ASN A 170 7.00 -16.75 10.33
C ASN A 170 5.90 -16.07 11.13
N ALA A 171 5.61 -14.81 10.82
CA ALA A 171 4.64 -14.04 11.57
C ALA A 171 3.21 -14.57 11.37
N PHE A 172 2.92 -15.07 10.17
CA PHE A 172 1.63 -15.68 9.90
C PHE A 172 1.31 -16.75 10.95
N ALA A 173 2.20 -17.73 11.08
CA ALA A 173 2.00 -18.80 12.05
C ALA A 173 1.97 -18.25 13.47
N PHE A 174 2.81 -17.25 13.72
CA PHE A 174 2.86 -16.60 15.02
C PHE A 174 1.49 -16.07 15.41
N ALA A 175 0.76 -15.57 14.41
CA ALA A 175 -0.56 -14.98 14.61
C ALA A 175 -1.69 -15.96 14.39
N HIS A 176 -1.37 -17.20 14.05
CA HIS A 176 -2.39 -18.21 13.78
C HIS A 176 -2.21 -19.41 14.72
N GLU A 177 -1.84 -19.13 15.97
CA GLU A 177 -1.60 -20.18 16.96
C GLU A 177 -0.71 -21.29 16.40
N GLY A 178 0.32 -20.91 15.65
CA GLY A 178 1.30 -21.86 15.17
C GLY A 178 1.04 -22.52 13.82
N LYS A 179 -0.12 -22.26 13.23
CA LYS A 179 -0.45 -22.86 11.94
C LYS A 179 0.17 -22.11 10.78
N LYS A 180 0.78 -22.85 9.85
CA LYS A 180 1.34 -22.26 8.64
C LYS A 180 0.28 -22.21 7.53
N VAL A 181 0.58 -21.53 6.44
CA VAL A 181 -0.47 -21.22 5.45
C VAL A 181 -1.04 -22.43 4.70
N TYR A 182 -0.16 -23.31 4.19
CA TYR A 182 -0.63 -24.45 3.41
C TYR A 182 -1.37 -25.43 4.28
N GLU A 183 -1.17 -25.30 5.59
CA GLU A 183 -2.00 -26.02 6.55
C GLU A 183 -3.36 -25.36 6.59
N VAL A 184 -3.39 -24.04 6.78
CA VAL A 184 -4.64 -23.28 6.77
C VAL A 184 -5.44 -23.52 5.48
N CYS A 185 -4.75 -23.68 4.35
CA CYS A 185 -5.43 -23.99 3.08
C CYS A 185 -6.07 -25.39 3.03
N SER A 186 -5.44 -26.37 3.67
CA SER A 186 -5.99 -27.71 3.69
C SER A 186 -7.20 -27.78 4.61
N GLU A 187 -7.37 -26.76 5.45
CA GLU A 187 -8.44 -26.73 6.44
C GLU A 187 -9.49 -25.68 6.16
N ASP A 188 -9.15 -24.70 5.31
CA ASP A 188 -10.02 -23.58 5.00
C ASP A 188 -10.22 -23.49 3.48
N ALA A 189 -11.25 -24.15 2.97
CA ALA A 189 -11.42 -24.31 1.52
C ALA A 189 -11.71 -23.00 0.77
N ASN A 190 -12.34 -22.04 1.44
CA ASN A 190 -12.61 -20.74 0.83
C ASN A 190 -11.34 -19.90 0.61
N PHE A 191 -10.57 -19.68 1.66
CA PHE A 191 -9.31 -18.93 1.55
C PHE A 191 -8.39 -19.69 0.63
N SER A 192 -8.41 -21.02 0.75
CA SER A 192 -7.60 -21.86 -0.10
C SER A 192 -7.99 -21.67 -1.57
N GLN A 193 -9.28 -21.53 -1.83
CA GLN A 193 -9.76 -21.39 -3.20
C GLN A 193 -9.31 -20.05 -3.81
N LEU A 194 -9.38 -19.00 -3.00
CA LEU A 194 -8.87 -17.68 -3.40
C LEU A 194 -7.42 -17.76 -3.84
N PHE A 195 -6.60 -18.43 -3.02
N PHE A 195 -6.58 -18.41 -3.02
CA PHE A 195 -5.16 -18.55 -3.30
CA PHE A 195 -5.16 -18.53 -3.35
C PHE A 195 -4.88 -19.38 -4.56
C PHE A 195 -4.91 -19.35 -4.62
N SER A 196 -5.54 -20.52 -4.72
CA SER A 196 -5.30 -21.34 -5.92
CA SER A 196 -5.34 -21.36 -5.91
C SER A 196 -5.89 -20.70 -7.18
N GLU A 197 -7.04 -20.04 -7.05
CA GLU A 197 -7.58 -19.27 -8.18
C GLU A 197 -6.64 -18.12 -8.54
N GLY A 198 -6.07 -17.48 -7.52
CA GLY A 198 -5.12 -16.40 -7.74
C GLY A 198 -3.90 -16.87 -8.52
N MET A 199 -3.37 -18.03 -8.13
CA MET A 199 -2.24 -18.63 -8.83
C MET A 199 -2.64 -19.04 -10.28
N ALA A 200 -3.83 -19.58 -10.44
CA ALA A 200 -4.30 -20.01 -11.75
C ALA A 200 -4.41 -18.84 -12.73
N GLY A 201 -4.89 -17.72 -12.23
CA GLY A 201 -5.05 -16.55 -13.09
C GLY A 201 -3.69 -16.10 -13.62
N ASP A 202 -2.70 -16.01 -12.73
CA ASP A 202 -1.36 -15.66 -13.18
C ASP A 202 -0.78 -16.71 -14.15
N SER A 203 -0.97 -17.99 -13.84
CA SER A 203 -0.43 -19.06 -14.67
C SER A 203 -1.00 -19.00 -16.09
N TRP A 204 -2.25 -18.60 -16.21
CA TRP A 204 -2.91 -18.50 -17.51
C TRP A 204 -2.11 -17.55 -18.42
N LEU A 205 -1.73 -16.40 -17.90
CA LEU A 205 -0.94 -15.43 -18.66
C LEU A 205 0.52 -15.83 -18.76
N PHE A 206 1.11 -16.21 -17.63
CA PHE A 206 2.54 -16.51 -17.60
C PHE A 206 2.92 -17.63 -18.56
N SER A 207 2.09 -18.67 -18.62
CA SER A 207 2.40 -19.84 -19.44
C SER A 207 2.40 -19.48 -20.91
N ARG A 208 1.48 -18.62 -21.32
CA ARG A 208 1.40 -18.19 -22.71
C ARG A 208 2.63 -17.37 -23.11
N ALA A 209 3.09 -16.53 -22.18
CA ALA A 209 4.34 -15.79 -22.38
C ALA A 209 5.53 -16.73 -22.45
N LEU A 210 5.55 -17.70 -21.55
CA LEU A 210 6.66 -18.65 -21.41
C LEU A 210 6.92 -19.47 -22.67
N VAL A 211 5.88 -20.07 -23.23
CA VAL A 211 6.04 -20.94 -24.39
C VAL A 211 6.43 -20.15 -25.63
N SER A 212 6.14 -18.86 -25.60
CA SER A 212 6.52 -17.96 -26.70
C SER A 212 7.97 -17.48 -26.57
N LYS A 213 8.30 -16.91 -25.42
CA LYS A 213 9.61 -16.30 -25.21
C LYS A 213 10.71 -17.32 -24.93
N CYS A 214 10.32 -18.52 -24.49
CA CYS A 214 11.26 -19.56 -24.14
C CYS A 214 10.95 -20.85 -24.91
N ARG A 215 10.51 -20.72 -26.14
CA ARG A 215 10.16 -21.88 -26.96
C ARG A 215 11.29 -22.91 -27.03
N ASP A 216 12.52 -22.44 -27.19
CA ASP A 216 13.67 -23.33 -27.35
C ASP A 216 13.92 -24.18 -26.10
N ALA A 217 13.48 -23.69 -24.94
CA ALA A 217 13.66 -24.43 -23.69
C ALA A 217 12.91 -25.76 -23.67
N PHE A 218 11.92 -25.90 -24.57
CA PHE A 218 11.08 -27.09 -24.55
C PHE A 218 11.45 -28.09 -25.66
N GLU A 219 12.44 -27.73 -26.46
CA GLU A 219 12.87 -28.57 -27.57
C GLU A 219 13.41 -29.92 -27.09
N GLY A 220 12.94 -31.00 -27.71
CA GLY A 220 13.48 -32.32 -27.45
C GLY A 220 12.99 -33.01 -26.18
N LEU A 221 12.16 -32.34 -25.40
CA LEU A 221 11.56 -32.96 -24.21
C LEU A 221 10.44 -33.91 -24.58
N SER A 222 10.33 -35.04 -23.88
CA SER A 222 9.19 -35.94 -24.08
CA SER A 222 9.21 -35.95 -24.07
C SER A 222 8.33 -36.00 -22.81
N SER A 223 8.79 -35.37 -21.75
CA SER A 223 8.05 -35.38 -20.49
C SER A 223 8.48 -34.23 -19.61
N LEU A 224 7.57 -33.78 -18.74
CA LEU A 224 7.84 -32.68 -17.84
C LEU A 224 6.96 -32.86 -16.63
N VAL A 225 7.53 -32.66 -15.45
CA VAL A 225 6.74 -32.70 -14.23
C VAL A 225 6.70 -31.29 -13.66
N ASP A 226 5.49 -30.81 -13.41
CA ASP A 226 5.24 -29.45 -12.97
C ASP A 226 4.98 -29.55 -11.48
N VAL A 227 6.03 -29.36 -10.68
CA VAL A 227 5.98 -29.63 -9.25
C VAL A 227 5.36 -28.44 -8.51
N GLY A 228 4.25 -28.67 -7.83
CA GLY A 228 3.44 -27.60 -7.27
C GLY A 228 2.67 -26.88 -8.37
N GLY A 229 2.31 -27.63 -9.40
CA GLY A 229 1.72 -27.05 -10.61
C GLY A 229 0.27 -26.62 -10.47
N GLY A 230 -0.31 -26.77 -9.28
CA GLY A 230 -1.64 -26.24 -9.03
C GLY A 230 -2.72 -26.88 -9.89
N THR A 231 -3.65 -26.06 -10.39
CA THR A 231 -4.77 -26.57 -11.18
C THR A 231 -4.48 -26.61 -12.67
N GLY A 232 -3.19 -26.65 -13.02
CA GLY A 232 -2.76 -27.04 -14.35
C GLY A 232 -2.70 -26.03 -15.48
N ASN A 233 -2.93 -24.76 -15.21
CA ASN A 233 -2.90 -23.77 -16.27
CA ASN A 233 -2.90 -23.74 -16.26
C ASN A 233 -1.54 -23.66 -16.96
N THR A 234 -0.47 -23.87 -16.20
CA THR A 234 0.88 -23.85 -16.79
C THR A 234 1.10 -25.05 -17.71
N SER A 235 0.93 -26.24 -17.17
CA SER A 235 1.14 -27.45 -17.96
C SER A 235 0.14 -27.63 -19.11
N LYS A 236 -1.08 -27.11 -18.97
CA LYS A 236 -2.05 -27.21 -20.06
C LYS A 236 -1.48 -26.55 -21.32
N VAL A 237 -0.93 -25.35 -21.16
CA VAL A 237 -0.40 -24.58 -22.27
C VAL A 237 0.88 -25.22 -22.84
N ILE A 238 1.72 -25.76 -21.97
CA ILE A 238 2.90 -26.50 -22.41
C ILE A 238 2.49 -27.71 -23.26
N ALA A 239 1.53 -28.48 -22.76
CA ALA A 239 1.07 -29.69 -23.45
C ALA A 239 0.46 -29.40 -24.84
N GLU A 240 -0.29 -28.31 -24.95
CA GLU A 240 -0.91 -27.92 -26.23
C GLU A 240 0.11 -27.39 -27.22
N THR A 241 1.11 -26.67 -26.70
CA THR A 241 2.10 -26.03 -27.55
C THR A 241 3.19 -27.03 -27.98
N PHE A 242 3.47 -28.01 -27.12
CA PHE A 242 4.50 -29.02 -27.40
C PHE A 242 3.92 -30.44 -27.31
N PRO A 243 3.36 -30.94 -28.42
CA PRO A 243 2.62 -32.21 -28.43
C PRO A 243 3.45 -33.44 -28.02
N ASN A 244 4.78 -33.37 -28.09
CA ASN A 244 5.61 -34.50 -27.67
C ASN A 244 5.81 -34.60 -26.16
N ILE A 245 5.36 -33.59 -25.42
CA ILE A 245 5.64 -33.53 -23.99
C ILE A 245 4.46 -34.02 -23.16
N HIS A 246 4.62 -35.19 -22.55
CA HIS A 246 3.67 -35.60 -21.52
C HIS A 246 3.90 -34.81 -20.23
N CYS A 247 2.90 -34.05 -19.80
CA CYS A 247 3.00 -33.23 -18.60
C CYS A 247 2.26 -33.85 -17.40
N THR A 248 2.95 -33.91 -16.26
CA THR A 248 2.37 -34.38 -15.01
C THR A 248 2.45 -33.25 -13.98
N VAL A 249 1.30 -32.84 -13.46
CA VAL A 249 1.25 -31.88 -12.36
C VAL A 249 1.32 -32.65 -11.06
N PHE A 250 2.23 -32.26 -10.19
CA PHE A 250 2.39 -32.90 -8.90
C PHE A 250 2.05 -31.87 -7.85
N ASP A 251 1.00 -32.11 -7.06
CA ASP A 251 0.61 -31.15 -6.03
C ASP A 251 -0.10 -31.89 -4.90
N LEU A 252 -0.55 -31.15 -3.90
CA LEU A 252 -1.20 -31.74 -2.73
C LEU A 252 -2.61 -32.20 -3.11
N PRO A 253 -3.09 -33.27 -2.45
CA PRO A 253 -4.42 -33.82 -2.73
C PRO A 253 -5.54 -32.76 -2.74
N HIS A 254 -5.55 -31.83 -1.79
CA HIS A 254 -6.65 -30.87 -1.72
C HIS A 254 -6.61 -29.85 -2.87
N VAL A 255 -5.56 -29.88 -3.66
CA VAL A 255 -5.42 -28.95 -4.77
C VAL A 255 -5.85 -29.58 -6.09
N VAL A 256 -5.67 -30.90 -6.22
CA VAL A 256 -5.89 -31.56 -7.50
C VAL A 256 -7.03 -32.61 -7.46
N SER A 257 -7.97 -32.44 -6.54
CA SER A 257 -9.10 -33.35 -6.47
CA SER A 257 -9.11 -33.35 -6.46
C SER A 257 -10.35 -32.73 -7.09
N GLY A 258 -10.23 -31.48 -7.54
CA GLY A 258 -11.38 -30.74 -8.05
C GLY A 258 -11.22 -30.35 -9.51
N PRO A 259 -12.08 -29.43 -9.99
CA PRO A 259 -11.93 -28.96 -11.37
C PRO A 259 -10.52 -28.41 -11.61
N LYS A 260 -10.02 -28.64 -12.82
CA LYS A 260 -8.67 -28.27 -13.17
C LYS A 260 -8.54 -28.48 -14.67
N GLN A 261 -7.48 -27.92 -15.26
CA GLN A 261 -7.27 -28.04 -16.70
C GLN A 261 -7.11 -29.50 -17.07
N THR A 262 -7.70 -29.89 -18.19
CA THR A 262 -7.57 -31.25 -18.68
C THR A 262 -7.05 -31.29 -20.11
N HIS A 263 -6.35 -32.37 -20.45
CA HIS A 263 -5.76 -32.58 -21.77
C HIS A 263 -5.26 -34.01 -21.86
N PRO A 264 -5.37 -34.63 -23.04
CA PRO A 264 -4.98 -36.04 -23.12
C PRO A 264 -3.53 -36.28 -22.69
N ASN A 265 -2.66 -35.28 -22.81
CA ASN A 265 -1.24 -35.48 -22.47
C ASN A 265 -0.85 -34.80 -21.18
N LEU A 266 -1.85 -34.50 -20.36
CA LEU A 266 -1.68 -33.88 -19.06
C LEU A 266 -2.39 -34.73 -18.03
N ASP A 267 -1.71 -35.05 -16.95
CA ASP A 267 -2.42 -35.68 -15.85
C ASP A 267 -1.85 -35.22 -14.53
N TYR A 268 -2.55 -35.58 -13.47
CA TYR A 268 -2.26 -35.07 -12.15
C TYR A 268 -1.87 -36.22 -11.23
N GLU A 269 -0.88 -35.96 -10.38
CA GLU A 269 -0.52 -36.87 -9.31
CA GLU A 269 -0.51 -36.88 -9.32
C GLU A 269 -0.42 -36.08 -8.02
N SER A 270 -0.84 -36.68 -6.91
CA SER A 270 -0.82 -35.93 -5.68
C SER A 270 0.25 -36.44 -4.72
N GLY A 271 0.73 -35.56 -3.86
CA GLY A 271 1.69 -35.95 -2.85
C GLY A 271 2.36 -34.73 -2.27
N ASN A 272 3.40 -34.98 -1.51
CA ASN A 272 4.16 -33.94 -0.83
C ASN A 272 5.58 -33.97 -1.38
N MET A 273 5.98 -32.92 -2.07
CA MET A 273 7.27 -32.87 -2.75
C MET A 273 8.48 -33.03 -1.83
N PHE A 274 8.28 -32.84 -0.54
CA PHE A 274 9.39 -32.92 0.42
C PHE A 274 9.52 -34.35 0.94
N THR A 275 8.43 -35.09 0.95
CA THR A 275 8.44 -36.42 1.53
C THR A 275 8.20 -37.55 0.52
N ASP A 276 7.60 -37.22 -0.62
CA ASP A 276 7.31 -38.25 -1.64
C ASP A 276 8.25 -38.11 -2.84
N GLU A 277 8.44 -39.20 -3.57
CA GLU A 277 9.28 -39.15 -4.76
C GLU A 277 8.62 -38.32 -5.87
N ILE A 278 9.34 -37.35 -6.41
CA ILE A 278 8.85 -36.58 -7.54
C ILE A 278 8.80 -37.47 -8.77
N PRO A 279 7.70 -37.40 -9.55
CA PRO A 279 7.62 -38.17 -10.79
C PRO A 279 8.84 -37.92 -11.71
N HIS A 280 9.27 -38.97 -12.39
CA HIS A 280 10.41 -38.91 -13.30
C HIS A 280 10.01 -38.26 -14.63
N ALA A 281 10.87 -37.38 -15.14
CA ALA A 281 10.61 -36.69 -16.40
C ALA A 281 11.89 -36.10 -16.99
N ASP A 282 11.86 -35.77 -18.27
CA ASP A 282 13.02 -35.14 -18.90
C ASP A 282 13.26 -33.76 -18.31
N ALA A 283 12.21 -33.13 -17.82
CA ALA A 283 12.32 -31.80 -17.22
C ALA A 283 11.52 -31.70 -15.95
N VAL A 284 12.11 -31.05 -14.94
CA VAL A 284 11.40 -30.76 -13.72
C VAL A 284 11.16 -29.26 -13.65
N LEU A 285 9.90 -28.86 -13.55
CA LEU A 285 9.52 -27.45 -13.52
C LEU A 285 8.98 -27.00 -12.15
N PHE A 286 9.53 -25.91 -11.63
CA PHE A 286 9.03 -25.24 -10.43
C PHE A 286 8.62 -23.83 -10.79
N LYS A 287 7.33 -23.56 -10.83
CA LYS A 287 6.86 -22.20 -11.11
C LYS A 287 6.28 -21.55 -9.85
N TRP A 288 6.93 -20.50 -9.36
CA TRP A 288 6.49 -19.86 -8.13
C TRP A 288 6.38 -20.85 -6.98
N VAL A 289 7.31 -21.79 -6.89
CA VAL A 289 7.29 -22.79 -5.83
C VAL A 289 8.53 -22.74 -4.93
N LEU A 290 9.71 -22.68 -5.53
CA LEU A 290 10.94 -22.64 -4.75
C LEU A 290 11.00 -21.37 -3.87
N CYS A 291 10.36 -20.30 -4.34
CA CYS A 291 10.29 -19.04 -3.60
C CYS A 291 9.50 -19.15 -2.28
N ASP A 292 8.73 -20.23 -2.11
CA ASP A 292 7.93 -20.41 -0.90
C ASP A 292 8.73 -20.96 0.27
N TRP A 293 9.93 -21.45 -0.01
CA TRP A 293 10.67 -22.30 0.91
C TRP A 293 12.11 -21.83 1.14
N PRO A 294 12.68 -22.16 2.32
CA PRO A 294 14.03 -21.73 2.67
C PRO A 294 15.12 -22.61 2.06
N ASP A 295 16.37 -22.18 2.17
CA ASP A 295 17.47 -22.81 1.44
C ASP A 295 17.63 -24.30 1.72
N GLU A 296 17.48 -24.69 2.97
CA GLU A 296 17.78 -26.05 3.39
C GLU A 296 16.89 -27.10 2.70
N PRO A 297 15.56 -26.98 2.85
CA PRO A 297 14.70 -27.91 2.09
C PRO A 297 14.79 -27.70 0.58
N VAL A 298 15.03 -26.48 0.12
CA VAL A 298 15.15 -26.27 -1.33
C VAL A 298 16.39 -26.98 -1.88
N LEU A 299 17.52 -26.84 -1.20
CA LEU A 299 18.74 -27.53 -1.60
C LEU A 299 18.54 -29.05 -1.61
N LYS A 300 17.94 -29.58 -0.54
CA LYS A 300 17.72 -31.02 -0.47
C LYS A 300 16.92 -31.49 -1.68
N MET A 301 15.91 -30.72 -2.06
CA MET A 301 15.04 -31.12 -3.17
C MET A 301 15.78 -30.98 -4.51
N LEU A 302 16.62 -29.95 -4.63
CA LEU A 302 17.40 -29.77 -5.85
C LEU A 302 18.44 -30.89 -6.01
N LYS A 303 18.96 -31.39 -4.91
CA LYS A 303 19.88 -32.52 -4.96
C LYS A 303 19.16 -33.75 -5.47
N GLN A 304 17.95 -33.96 -4.96
CA GLN A 304 17.11 -35.04 -5.44
C GLN A 304 16.84 -34.93 -6.95
N CYS A 305 16.55 -33.72 -7.41
CA CYS A 305 16.31 -33.49 -8.84
C CYS A 305 17.54 -33.76 -9.69
N LYS A 306 18.72 -33.33 -9.21
CA LYS A 306 19.97 -33.59 -9.92
C LYS A 306 20.17 -35.09 -10.09
N LYS A 307 19.90 -35.85 -9.03
CA LYS A 307 20.04 -37.29 -9.10
C LYS A 307 19.05 -37.87 -10.09
N ALA A 308 17.79 -37.43 -10.01
CA ALA A 308 16.76 -37.94 -10.91
C ALA A 308 17.08 -37.57 -12.37
N LEU A 309 17.60 -36.37 -12.58
CA LEU A 309 17.85 -35.85 -13.92
C LEU A 309 19.13 -36.37 -14.58
N THR A 310 19.84 -37.26 -13.88
CA THR A 310 21.06 -37.84 -14.41
C THR A 310 21.04 -39.36 -14.30
N LYS A 311 19.88 -39.92 -13.99
CA LYS A 311 19.74 -41.36 -13.89
C LYS A 311 20.09 -42.07 -15.21
N ASN A 312 20.81 -43.17 -15.11
CA ASN A 312 21.22 -43.95 -16.27
C ASN A 312 22.03 -43.15 -17.30
N GLY A 313 22.84 -42.20 -16.81
CA GLY A 313 23.71 -41.44 -17.68
C GLY A 313 23.04 -40.40 -18.57
N VAL A 314 21.73 -40.54 -18.77
CA VAL A 314 20.97 -39.61 -19.60
C VAL A 314 20.60 -38.37 -18.78
N LYS A 315 20.74 -37.18 -19.38
CA LYS A 315 20.56 -35.93 -18.65
C LYS A 315 19.28 -35.17 -19.02
N GLY A 316 18.48 -34.85 -18.01
CA GLY A 316 17.33 -33.99 -18.18
C GLY A 316 17.72 -32.58 -17.76
N LYS A 317 16.72 -31.72 -17.54
CA LYS A 317 17.01 -30.36 -17.13
C LYS A 317 16.03 -29.88 -16.06
N LEU A 318 16.49 -28.95 -15.26
CA LEU A 318 15.66 -28.31 -14.26
C LEU A 318 15.21 -26.96 -14.81
N MET A 319 13.93 -26.64 -14.64
CA MET A 319 13.38 -25.36 -15.08
C MET A 319 12.71 -24.65 -13.91
N ILE A 320 13.14 -23.43 -13.66
CA ILE A 320 12.60 -22.64 -12.57
C ILE A 320 11.97 -21.37 -13.14
N ALA A 321 10.67 -21.22 -12.95
CA ALA A 321 9.97 -20.04 -13.43
C ALA A 321 9.64 -19.21 -12.20
N ASP A 322 10.47 -18.20 -11.93
CA ASP A 322 10.42 -17.53 -10.65
C ASP A 322 11.15 -16.18 -10.72
N HIS A 323 11.25 -15.51 -9.58
CA HIS A 323 11.94 -14.23 -9.54
C HIS A 323 13.45 -14.41 -9.46
N VAL A 324 14.16 -13.68 -10.30
CA VAL A 324 15.57 -13.39 -10.05
C VAL A 324 15.60 -11.90 -9.74
N LEU A 325 15.76 -11.58 -8.45
CA LEU A 325 15.41 -10.27 -7.93
C LEU A 325 16.17 -9.15 -8.65
N ASP A 326 17.44 -9.42 -8.96
CA ASP A 326 18.32 -8.43 -9.57
C ASP A 326 18.42 -8.58 -11.09
N HIS A 327 17.51 -9.33 -11.70
CA HIS A 327 17.53 -9.42 -13.18
C HIS A 327 17.24 -8.07 -13.85
N GLU A 328 17.86 -7.81 -14.99
CA GLU A 328 17.67 -6.56 -15.73
C GLU A 328 16.18 -6.29 -16.08
N SER A 329 15.39 -7.34 -16.27
CA SER A 329 14.00 -7.16 -16.73
C SER A 329 13.08 -6.60 -15.64
N CYS A 330 13.56 -6.64 -14.40
CA CYS A 330 12.78 -6.11 -13.29
C CYS A 330 13.64 -5.21 -12.40
N ASN A 331 14.64 -4.58 -13.02
N ASN A 331 14.67 -4.60 -12.99
CA ASN A 331 15.63 -3.74 -12.33
CA ASN A 331 15.60 -3.76 -12.23
C ASN A 331 15.18 -2.30 -12.16
C ASN A 331 15.19 -2.28 -12.15
N ASP A 332 14.15 -1.90 -12.89
CA ASP A 332 13.64 -0.54 -12.81
C ASP A 332 13.01 -0.30 -11.44
N SER A 333 12.90 0.96 -11.04
CA SER A 333 12.43 1.34 -9.71
C SER A 333 11.02 0.84 -9.36
N ASN A 334 10.08 0.92 -10.31
CA ASN A 334 8.73 0.42 -10.08
C ASN A 334 8.70 -1.09 -9.89
N SER A 335 9.38 -1.81 -10.77
CA SER A 335 9.42 -3.27 -10.67
C SER A 335 10.10 -3.68 -9.37
N MET A 336 11.21 -3.02 -9.04
CA MET A 336 11.97 -3.39 -7.86
C MET A 336 11.12 -3.14 -6.62
N GLY A 337 10.38 -2.04 -6.61
CA GLY A 337 9.49 -1.75 -5.50
C GLY A 337 8.46 -2.85 -5.29
N THR A 338 7.86 -3.32 -6.38
CA THR A 338 6.91 -4.44 -6.29
C THR A 338 7.58 -5.77 -5.89
N SER A 339 8.76 -6.06 -6.42
CA SER A 339 9.48 -7.25 -6.00
C SER A 339 9.74 -7.26 -4.49
N LEU A 340 10.16 -6.13 -3.95
CA LEU A 340 10.51 -6.06 -2.53
C LEU A 340 9.26 -6.14 -1.66
N ILE A 341 8.16 -5.56 -2.15
CA ILE A 341 6.87 -5.76 -1.51
C ILE A 341 6.48 -7.24 -1.44
N LEU A 342 6.67 -7.96 -2.54
CA LEU A 342 6.46 -9.40 -2.55
C LEU A 342 7.44 -10.10 -1.60
N ASP A 343 8.69 -9.64 -1.56
CA ASP A 343 9.64 -10.28 -0.66
C ASP A 343 9.13 -10.15 0.78
N MET A 344 8.54 -8.99 1.09
CA MET A 344 7.97 -8.76 2.43
C MET A 344 6.73 -9.64 2.65
N LEU A 345 5.82 -9.63 1.70
CA LEU A 345 4.65 -10.51 1.74
C LEU A 345 5.10 -11.96 2.00
N PHE A 346 6.05 -12.45 1.22
CA PHE A 346 6.52 -13.84 1.36
C PHE A 346 7.18 -14.06 2.72
N MET A 347 7.93 -13.07 3.21
CA MET A 347 8.53 -13.17 4.53
C MET A 347 7.47 -13.36 5.63
N SER A 348 6.33 -12.71 5.47
CA SER A 348 5.31 -12.78 6.51
C SER A 348 4.53 -14.09 6.51
N PHE A 349 4.20 -14.62 5.32
CA PHE A 349 3.24 -15.74 5.26
C PHE A 349 3.73 -17.01 4.58
N LEU A 350 4.89 -16.96 3.94
CA LEU A 350 5.52 -18.15 3.40
C LEU A 350 6.84 -18.39 4.15
N GLU A 351 7.72 -19.22 3.59
CA GLU A 351 8.98 -19.53 4.26
C GLU A 351 10.15 -19.24 3.33
N GLY A 352 9.89 -18.44 2.30
CA GLY A 352 10.91 -18.12 1.33
C GLY A 352 11.07 -16.65 1.01
N SER A 353 11.67 -16.37 -0.14
N SER A 353 11.63 -16.37 -0.15
CA SER A 353 12.10 -15.02 -0.49
CA SER A 353 12.02 -15.02 -0.51
C SER A 353 12.23 -14.91 -2.01
C SER A 353 12.16 -14.90 -2.03
N LEU A 354 12.37 -13.69 -2.52
CA LEU A 354 12.72 -13.52 -3.93
C LEU A 354 14.24 -13.52 -3.99
N ARG A 355 14.81 -14.59 -4.54
CA ARG A 355 16.26 -14.77 -4.50
C ARG A 355 16.99 -13.97 -5.60
N THR A 356 18.17 -13.46 -5.26
CA THR A 356 19.04 -12.80 -6.23
C THR A 356 19.76 -13.84 -7.06
N GLU A 357 20.40 -13.42 -8.15
CA GLU A 357 21.15 -14.36 -8.96
C GLU A 357 22.22 -15.07 -8.14
N LYS A 358 22.85 -14.33 -7.23
CA LYS A 358 23.89 -14.88 -6.33
C LYS A 358 23.34 -16.05 -5.51
N GLN A 359 22.17 -15.85 -4.90
CA GLN A 359 21.54 -16.90 -4.10
C GLN A 359 21.17 -18.14 -4.90
N TRP A 360 20.68 -17.94 -6.12
CA TRP A 360 20.30 -19.06 -6.98
C TRP A 360 21.54 -19.85 -7.38
N ALA A 361 22.56 -19.14 -7.84
CA ALA A 361 23.77 -19.77 -8.35
C ALA A 361 24.45 -20.62 -7.28
N LYS A 362 24.39 -20.16 -6.03
CA LYS A 362 24.95 -20.89 -4.91
C LYS A 362 24.22 -22.22 -4.70
N LEU A 363 22.90 -22.18 -4.76
CA LEU A 363 22.08 -23.37 -4.66
C LEU A 363 22.36 -24.34 -5.80
N PHE A 364 22.47 -23.81 -7.02
CA PHE A 364 22.74 -24.66 -8.19
C PHE A 364 24.08 -25.39 -8.00
N ALA A 365 25.09 -24.64 -7.54
CA ALA A 365 26.42 -25.19 -7.32
C ALA A 365 26.45 -26.29 -6.26
N GLU A 366 25.82 -26.00 -5.12
CA GLU A 366 25.79 -26.94 -4.01
C GLU A 366 24.96 -28.18 -4.34
N ALA A 367 23.97 -28.02 -5.20
CA ALA A 367 23.12 -29.13 -5.62
C ALA A 367 23.78 -30.00 -6.68
N GLY A 368 24.90 -29.55 -7.22
CA GLY A 368 25.67 -30.34 -8.17
C GLY A 368 25.43 -30.04 -9.65
N PHE A 369 24.67 -28.98 -9.95
CA PHE A 369 24.43 -28.60 -11.34
C PHE A 369 25.64 -27.90 -11.95
N LYS A 370 25.75 -27.92 -13.28
CA LYS A 370 26.98 -27.44 -13.93
C LYS A 370 26.84 -26.18 -14.79
N ASP A 371 25.61 -25.74 -15.03
CA ASP A 371 25.41 -24.63 -15.94
C ASP A 371 24.00 -24.11 -15.76
N TYR A 372 23.78 -22.86 -16.16
CA TYR A 372 22.40 -22.33 -16.22
C TYR A 372 22.25 -21.27 -17.29
N LYS A 373 21.00 -20.99 -17.63
CA LYS A 373 20.68 -19.92 -18.56
C LYS A 373 19.42 -19.23 -18.06
N ILE A 374 19.42 -17.90 -18.07
CA ILE A 374 18.27 -17.13 -17.63
C ILE A 374 17.64 -16.38 -18.80
N THR A 375 16.34 -16.56 -19.01
CA THR A 375 15.61 -15.87 -20.07
C THR A 375 14.40 -15.14 -19.48
N PRO A 376 14.26 -13.84 -19.78
CA PRO A 376 13.13 -13.10 -19.18
C PRO A 376 11.81 -13.56 -19.79
N VAL A 377 10.76 -13.59 -18.97
CA VAL A 377 9.43 -13.92 -19.48
C VAL A 377 8.51 -12.72 -19.30
N GLY A 378 8.35 -12.28 -18.06
CA GLY A 378 7.54 -11.12 -17.77
C GLY A 378 6.94 -11.21 -16.37
N GLY A 379 6.18 -10.18 -15.99
CA GLY A 379 5.57 -10.15 -14.67
C GLY A 379 6.56 -10.32 -13.54
N LEU A 380 7.71 -9.67 -13.67
CA LEU A 380 8.80 -9.69 -12.68
C LEU A 380 9.63 -10.96 -12.69
N ARG A 381 9.34 -11.87 -13.61
CA ARG A 381 9.93 -13.20 -13.51
C ARG A 381 10.64 -13.67 -14.77
N VAL A 382 11.45 -14.71 -14.60
CA VAL A 382 12.29 -15.23 -15.66
C VAL A 382 12.18 -16.76 -15.69
N LEU A 383 12.71 -17.38 -16.74
CA LEU A 383 12.93 -18.81 -16.73
C LEU A 383 14.41 -19.04 -16.49
N ILE A 384 14.73 -19.88 -15.51
CA ILE A 384 16.10 -20.34 -15.32
C ILE A 384 16.13 -21.78 -15.78
N GLU A 385 16.93 -22.06 -16.80
CA GLU A 385 17.24 -23.43 -17.16
C GLU A 385 18.52 -23.84 -16.46
N VAL A 386 18.49 -24.98 -15.77
CA VAL A 386 19.63 -25.42 -15.00
C VAL A 386 20.03 -26.83 -15.44
N TYR A 387 21.29 -26.99 -15.84
CA TYR A 387 21.73 -28.22 -16.47
C TYR A 387 22.69 -29.00 -15.58
N PRO A 388 22.46 -30.31 -15.45
CA PRO A 388 23.36 -31.16 -14.67
C PRO A 388 24.56 -31.57 -15.50
N GLY B 13 -15.58 -23.46 -8.84
CA GLY B 13 -16.41 -24.04 -9.87
C GLY B 13 -15.62 -24.65 -11.01
N LEU B 14 -16.30 -25.02 -12.08
CA LEU B 14 -15.66 -25.62 -13.25
C LEU B 14 -14.63 -24.65 -13.86
N VAL B 15 -13.75 -25.17 -14.72
CA VAL B 15 -12.72 -24.33 -15.33
C VAL B 15 -13.31 -23.27 -16.25
N MET B 21 -6.09 -15.85 -27.40
CA MET B 21 -5.27 -14.66 -27.21
C MET B 21 -3.87 -14.84 -27.80
N ASP B 22 -3.40 -13.87 -28.57
CA ASP B 22 -2.05 -14.00 -29.12
C ASP B 22 -0.97 -13.77 -28.05
N ALA B 23 0.23 -14.27 -28.31
CA ALA B 23 1.34 -14.16 -27.37
C ALA B 23 1.64 -12.72 -26.95
N ALA B 24 1.62 -11.80 -27.91
CA ALA B 24 1.94 -10.41 -27.61
C ALA B 24 0.98 -9.84 -26.58
N THR B 25 -0.31 -10.17 -26.70
CA THR B 25 -1.31 -9.68 -25.76
C THR B 25 -1.14 -10.32 -24.38
N ALA B 26 -0.85 -11.62 -24.34
CA ALA B 26 -0.56 -12.31 -23.08
C ALA B 26 0.62 -11.69 -22.34
N VAL B 27 1.70 -11.39 -23.05
CA VAL B 27 2.88 -10.77 -22.42
C VAL B 27 2.52 -9.40 -21.87
N GLU B 28 1.81 -8.60 -22.66
CA GLU B 28 1.42 -7.27 -22.21
C GLU B 28 0.60 -7.34 -20.92
N LEU B 29 -0.38 -8.23 -20.89
CA LEU B 29 -1.19 -8.43 -19.69
C LEU B 29 -0.37 -8.99 -18.53
N LEU B 30 0.48 -9.97 -18.82
CA LEU B 30 1.39 -10.48 -17.80
C LEU B 30 2.19 -9.36 -17.15
N ASP B 31 2.69 -8.46 -17.97
CA ASP B 31 3.52 -7.37 -17.47
C ASP B 31 2.70 -6.28 -16.77
N ALA B 32 1.38 -6.30 -16.96
CA ALA B 32 0.52 -5.30 -16.33
C ALA B 32 0.12 -5.72 -14.91
N GLN B 33 0.12 -7.02 -14.66
CA GLN B 33 -0.24 -7.53 -13.34
C GLN B 33 0.50 -6.89 -12.16
N PRO B 34 1.83 -6.75 -12.26
CA PRO B 34 2.52 -6.22 -11.07
C PRO B 34 2.03 -4.83 -10.62
N GLN B 35 1.51 -4.02 -11.54
CA GLN B 35 0.90 -2.73 -11.16
C GLN B 35 -0.29 -2.96 -10.25
N VAL B 36 -1.08 -3.98 -10.55
CA VAL B 36 -2.24 -4.32 -9.73
C VAL B 36 -1.79 -4.88 -8.36
N TRP B 37 -0.83 -5.80 -8.40
CA TRP B 37 -0.28 -6.36 -7.17
C TRP B 37 0.24 -5.23 -6.28
N HIS B 38 0.89 -4.25 -6.89
CA HIS B 38 1.51 -3.18 -6.12
C HIS B 38 0.41 -2.39 -5.41
N HIS B 39 -0.70 -2.16 -6.11
CA HIS B 39 -1.88 -1.52 -5.52
C HIS B 39 -2.48 -2.31 -4.36
N PHE B 40 -2.83 -3.57 -4.57
CA PHE B 40 -3.49 -4.26 -3.47
C PHE B 40 -2.57 -4.67 -2.33
N LEU B 41 -1.26 -4.68 -2.60
CA LEU B 41 -0.31 -4.93 -1.52
C LEU B 41 0.18 -3.62 -0.88
N GLY B 42 -0.50 -2.52 -1.15
CA GLY B 42 -0.10 -1.25 -0.56
C GLY B 42 0.01 -1.31 0.96
N TYR B 43 -0.80 -2.16 1.60
CA TYR B 43 -0.75 -2.27 3.06
C TYR B 43 0.61 -2.79 3.56
N ILE B 44 1.38 -3.41 2.66
CA ILE B 44 2.71 -3.87 3.02
C ILE B 44 3.63 -2.67 3.32
N ASN B 45 3.49 -1.58 2.56
CA ASN B 45 4.23 -0.35 2.87
C ASN B 45 3.87 0.17 4.26
N SER B 46 2.56 0.22 4.54
CA SER B 46 2.08 0.65 5.85
C SER B 46 2.71 -0.17 6.98
N MET B 47 2.67 -1.49 6.83
CA MET B 47 3.06 -2.38 7.91
C MET B 47 4.58 -2.45 8.08
N THR B 48 5.30 -2.41 6.96
CA THR B 48 6.77 -2.38 7.03
C THR B 48 7.25 -1.09 7.70
N LEU B 49 6.67 0.05 7.33
CA LEU B 49 7.02 1.31 8.00
C LEU B 49 6.66 1.26 9.49
N GLN B 50 5.48 0.75 9.82
CA GLN B 50 5.11 0.65 11.22
C GLN B 50 6.12 -0.21 12.03
N CYS B 51 6.58 -1.30 11.44
N CYS B 51 6.59 -1.29 11.42
CA CYS B 51 7.58 -2.14 12.10
CA CYS B 51 7.56 -2.17 12.04
C CYS B 51 8.84 -1.34 12.38
C CYS B 51 8.86 -1.42 12.33
N ALA B 52 9.31 -0.62 11.37
CA ALA B 52 10.51 0.22 11.53
C ALA B 52 10.36 1.18 12.70
N LEU B 53 9.14 1.69 12.89
CA LEU B 53 8.91 2.61 14.00
C LEU B 53 8.85 1.87 15.33
N GLU B 54 8.11 0.76 15.35
CA GLU B 54 7.99 -0.05 16.56
C GLU B 54 9.37 -0.47 17.05
N LEU B 55 10.24 -0.81 16.10
CA LEU B 55 11.60 -1.26 16.44
C LEU B 55 12.59 -0.11 16.71
N ASP B 56 12.15 1.13 16.49
CA ASP B 56 13.02 2.31 16.66
C ASP B 56 14.27 2.24 15.78
N ILE B 57 14.15 1.68 14.57
CA ILE B 57 15.30 1.46 13.70
C ILE B 57 16.12 2.73 13.41
N ALA B 58 15.44 3.79 12.96
CA ALA B 58 16.14 5.03 12.63
C ALA B 58 16.94 5.56 13.83
N ASP B 59 16.31 5.57 15.00
CA ASP B 59 16.95 6.04 16.23
C ASP B 59 18.16 5.19 16.65
N VAL B 60 18.06 3.87 16.49
CA VAL B 60 19.15 2.98 16.84
C VAL B 60 20.35 3.18 15.91
N ILE B 61 20.06 3.37 14.62
CA ILE B 61 21.13 3.65 13.65
C ILE B 61 21.76 5.01 13.93
N HIS B 62 20.92 6.02 14.13
CA HIS B 62 21.41 7.35 14.44
C HIS B 62 22.31 7.32 15.69
N ARG B 63 21.87 6.60 16.72
CA ARG B 63 22.64 6.52 17.97
C ARG B 63 24.01 5.89 17.73
N HIS B 64 24.08 4.92 16.82
CA HIS B 64 25.35 4.27 16.49
C HIS B 64 26.40 5.30 16.05
N GLY B 65 25.96 6.33 15.32
CA GLY B 65 26.83 7.45 14.98
C GLY B 65 27.54 7.31 13.64
N HIS B 66 27.46 6.12 13.06
CA HIS B 66 28.02 5.84 11.74
C HIS B 66 27.40 4.52 11.25
N PRO B 67 27.66 4.12 9.99
CA PRO B 67 26.97 2.92 9.49
C PRO B 67 27.08 1.74 10.45
N ILE B 68 25.97 1.06 10.67
CA ILE B 68 25.92 -0.03 11.65
C ILE B 68 25.79 -1.38 10.93
N PRO B 69 26.71 -2.33 11.24
CA PRO B 69 26.67 -3.66 10.64
C PRO B 69 25.39 -4.42 11.02
N LEU B 70 24.92 -5.31 10.14
CA LEU B 70 23.66 -6.04 10.35
C LEU B 70 23.62 -6.74 11.73
N ASN B 71 24.68 -7.47 12.06
CA ASN B 71 24.70 -8.22 13.31
C ASN B 71 24.54 -7.30 14.54
N GLN B 72 25.23 -6.17 14.54
CA GLN B 72 25.13 -5.20 15.63
C GLN B 72 23.76 -4.54 15.68
N LEU B 73 23.15 -4.32 14.51
CA LEU B 73 21.81 -3.76 14.45
C LEU B 73 20.80 -4.73 15.08
N ALA B 74 20.86 -6.00 14.66
CA ALA B 74 19.99 -7.02 15.25
C ALA B 74 20.12 -7.04 16.77
N ALA B 75 21.36 -7.07 17.25
CA ALA B 75 21.61 -7.09 18.68
C ALA B 75 20.97 -5.89 19.37
N ALA B 76 21.16 -4.69 18.82
CA ALA B 76 20.61 -3.50 19.47
C ALA B 76 19.09 -3.53 19.44
N LEU B 77 18.54 -4.15 18.41
CA LEU B 77 17.09 -4.27 18.29
C LEU B 77 16.50 -5.43 19.09
N GLU B 78 17.38 -6.20 19.73
CA GLU B 78 16.97 -7.41 20.44
C GLU B 78 16.36 -8.44 19.48
N ILE B 79 16.83 -8.42 18.25
CA ILE B 79 16.48 -9.45 17.27
C ILE B 79 17.55 -10.55 17.29
N PRO B 80 17.14 -11.79 17.57
CA PRO B 80 18.03 -12.96 17.62
C PRO B 80 18.86 -13.06 16.34
N GLN B 81 20.12 -13.45 16.46
CA GLN B 81 20.99 -13.53 15.30
C GLN B 81 20.38 -14.45 14.23
N THR B 82 19.64 -15.47 14.66
CA THR B 82 19.01 -16.38 13.72
C THR B 82 18.00 -15.67 12.81
N LYS B 83 17.53 -14.51 13.23
CA LYS B 83 16.53 -13.77 12.47
C LYS B 83 17.09 -12.54 11.76
N ALA B 84 18.40 -12.33 11.88
CA ALA B 84 19.04 -11.23 11.17
C ALA B 84 18.77 -11.24 9.66
N PRO B 85 18.70 -12.45 9.03
CA PRO B 85 18.39 -12.44 7.60
C PRO B 85 17.04 -11.82 7.30
N PHE B 86 16.09 -11.94 8.21
CA PHE B 86 14.77 -11.32 8.03
C PHE B 86 14.89 -9.83 8.24
N LEU B 87 15.66 -9.43 9.27
CA LEU B 87 15.94 -8.02 9.48
C LEU B 87 16.60 -7.43 8.25
N SER B 88 17.53 -8.17 7.65
CA SER B 88 18.19 -7.70 6.44
C SER B 88 17.18 -7.41 5.33
N ARG B 89 16.22 -8.31 5.14
CA ARG B 89 15.22 -8.14 4.09
C ARG B 89 14.30 -6.93 4.36
N LEU B 90 13.94 -6.74 5.63
CA LEU B 90 13.15 -5.57 6.03
C LEU B 90 13.92 -4.26 5.73
N MET B 91 15.21 -4.23 6.07
CA MET B 91 16.06 -3.08 5.76
C MET B 91 16.17 -2.82 4.25
N ARG B 92 16.30 -3.88 3.46
CA ARG B 92 16.35 -3.75 2.01
C ARG B 92 15.09 -3.03 1.50
N MET B 93 13.94 -3.41 2.06
CA MET B 93 12.67 -2.77 1.71
CA MET B 93 12.66 -2.78 1.72
C MET B 93 12.69 -1.29 2.09
N LEU B 94 13.16 -1.00 3.31
CA LEU B 94 13.18 0.37 3.82
C LEU B 94 14.20 1.26 3.10
N VAL B 95 15.30 0.66 2.66
CA VAL B 95 16.26 1.37 1.84
C VAL B 95 15.58 1.77 0.55
N HIS B 96 14.85 0.83 -0.06
CA HIS B 96 14.16 1.14 -1.28
C HIS B 96 13.13 2.24 -1.09
N LEU B 97 12.47 2.25 0.07
CA LEU B 97 11.47 3.30 0.32
C LEU B 97 12.16 4.66 0.52
N GLY B 98 13.45 4.66 0.82
CA GLY B 98 14.24 5.88 0.85
C GLY B 98 14.66 6.35 2.24
N TYR B 99 14.42 5.52 3.25
CA TYR B 99 14.75 5.91 4.61
C TYR B 99 16.20 5.67 4.97
N PHE B 100 16.79 4.61 4.44
CA PHE B 100 18.13 4.22 4.86
C PHE B 100 19.00 3.91 3.65
N THR B 101 20.28 3.69 3.89
CA THR B 101 21.18 3.25 2.85
C THR B 101 21.85 2.00 3.36
N GLN B 102 22.40 1.22 2.45
CA GLN B 102 23.18 0.05 2.84
C GLN B 102 24.38 -0.07 1.91
N VAL B 103 25.49 -0.57 2.47
CA VAL B 103 26.67 -0.96 1.70
C VAL B 103 27.23 -2.26 2.28
N ILE B 104 28.03 -2.97 1.47
CA ILE B 104 28.70 -4.19 1.91
C ILE B 104 30.20 -3.96 2.01
N THR B 105 30.70 -3.74 3.21
CA THR B 105 32.11 -3.38 3.41
C THR B 105 33.03 -4.59 3.56
N LYS B 106 32.45 -5.79 3.57
CA LYS B 106 33.24 -7.02 3.64
C LYS B 106 33.16 -7.78 2.32
N PRO B 107 34.34 -8.11 1.75
CA PRO B 107 34.47 -8.73 0.43
C PRO B 107 33.71 -10.06 0.27
N LEU B 115 26.98 -9.36 4.78
CA LEU B 115 27.35 -8.37 5.79
C LEU B 115 27.10 -6.91 5.36
N PRO B 116 25.82 -6.48 5.37
CA PRO B 116 25.51 -5.09 5.06
C PRO B 116 25.73 -4.17 6.26
N SER B 117 26.03 -2.89 6.01
CA SER B 117 26.07 -1.87 7.05
C SER B 117 25.06 -0.80 6.66
N TYR B 118 24.29 -0.31 7.64
CA TYR B 118 23.21 0.61 7.37
C TYR B 118 23.47 2.03 7.91
N TRP B 119 23.04 3.02 7.15
CA TRP B 119 23.10 4.40 7.61
C TRP B 119 21.81 5.12 7.21
N LEU B 120 21.74 6.42 7.50
CA LEU B 120 20.51 7.17 7.31
C LEU B 120 20.48 7.91 5.98
N ALA B 121 19.33 7.89 5.31
CA ALA B 121 19.08 8.74 4.15
C ALA B 121 18.22 9.93 4.59
N PRO B 122 18.18 10.99 3.77
CA PRO B 122 17.45 12.19 4.19
C PRO B 122 15.99 11.96 4.65
N LEU B 123 15.27 11.03 4.05
CA LEU B 123 13.88 10.83 4.44
C LEU B 123 13.74 10.38 5.91
N SER B 124 14.78 9.74 6.45
CA SER B 124 14.75 9.31 7.85
C SER B 124 14.70 10.43 8.89
N ARG B 125 15.00 11.67 8.50
CA ARG B 125 14.85 12.79 9.40
C ARG B 125 13.41 12.83 9.96
N LEU B 126 12.47 12.37 9.15
CA LEU B 126 11.07 12.38 9.51
C LEU B 126 10.66 11.21 10.45
N LEU B 127 11.58 10.28 10.69
CA LEU B 127 11.29 9.14 11.58
C LEU B 127 11.93 9.28 12.96
N LEU B 128 12.92 10.16 13.07
CA LEU B 128 13.73 10.24 14.30
C LEU B 128 12.94 10.85 15.44
N LYS B 129 12.88 10.14 16.56
CA LYS B 129 12.21 10.63 17.77
C LYS B 129 12.67 12.02 18.24
N GLN B 130 13.97 12.29 18.14
CA GLN B 130 14.52 13.57 18.59
C GLN B 130 14.03 14.77 17.78
N ASN B 131 13.46 14.53 16.61
CA ASN B 131 12.93 15.63 15.79
C ASN B 131 11.46 15.92 16.13
N PRO B 132 11.16 17.16 16.51
CA PRO B 132 9.78 17.50 16.92
C PRO B 132 8.80 17.40 15.77
N TYR B 133 9.32 17.28 14.55
CA TYR B 133 8.49 17.17 13.36
C TYR B 133 8.39 15.74 12.83
N ASN B 134 8.95 14.78 13.56
CA ASN B 134 8.89 13.40 13.12
C ASN B 134 7.43 12.95 12.97
N ALA B 135 7.23 11.94 12.12
CA ALA B 135 5.90 11.49 11.73
C ALA B 135 5.45 10.23 12.45
N ARG B 136 6.12 9.88 13.54
CA ARG B 136 5.87 8.61 14.22
C ARG B 136 4.41 8.44 14.66
N SER B 137 3.89 9.40 15.42
CA SER B 137 2.53 9.31 15.94
C SER B 137 1.47 9.27 14.83
N LEU B 138 1.64 10.10 13.80
CA LEU B 138 0.69 10.11 12.70
C LEU B 138 0.68 8.75 12.02
N THR B 139 1.86 8.13 11.93
CA THR B 139 1.97 6.82 11.33
C THR B 139 1.18 5.77 12.14
N PHE B 140 1.46 5.69 13.44
CA PHE B 140 0.77 4.76 14.34
C PHE B 140 -0.72 5.02 14.32
N CYS B 141 -1.09 6.29 14.37
CA CYS B 141 -2.49 6.66 14.31
C CYS B 141 -3.13 6.17 13.02
N SER B 142 -2.48 6.44 11.90
CA SER B 142 -3.04 6.14 10.58
C SER B 142 -3.21 4.64 10.25
N VAL B 143 -2.28 3.82 10.73
N VAL B 143 -2.29 3.82 10.75
CA VAL B 143 -2.36 2.38 10.47
CA VAL B 143 -2.34 2.38 10.50
C VAL B 143 -3.06 1.62 11.60
C VAL B 143 -3.09 1.63 11.59
N HIS B 144 -3.57 2.36 12.59
CA HIS B 144 -4.30 1.78 13.72
C HIS B 144 -5.56 1.03 13.25
N GLU B 145 -5.90 -0.05 13.96
CA GLU B 145 -7.13 -0.81 13.71
C GLU B 145 -8.35 0.10 13.56
N HIS B 146 -8.42 1.15 14.38
CA HIS B 146 -9.54 2.09 14.32
C HIS B 146 -9.78 2.67 12.91
N LEU B 147 -8.70 2.94 12.16
CA LEU B 147 -8.85 3.58 10.84
C LEU B 147 -8.80 2.60 9.66
N VAL B 148 -8.09 1.50 9.83
CA VAL B 148 -8.02 0.47 8.80
C VAL B 148 -9.30 -0.39 8.77
N ASP B 149 -9.72 -0.88 9.93
CA ASP B 149 -10.84 -1.84 9.99
C ASP B 149 -12.13 -1.39 9.27
N PRO B 150 -12.50 -0.10 9.40
CA PRO B 150 -13.76 0.35 8.76
C PRO B 150 -13.80 0.16 7.26
N TRP B 151 -12.63 0.14 6.62
CA TRP B 151 -12.57 -0.05 5.17
C TRP B 151 -13.14 -1.39 4.75
N ARG B 152 -13.18 -2.35 5.67
CA ARG B 152 -13.71 -3.67 5.33
C ARG B 152 -15.23 -3.61 5.33
N GLN B 153 -15.78 -2.48 5.76
CA GLN B 153 -17.23 -2.26 5.70
C GLN B 153 -17.59 -1.08 4.80
N MET B 154 -16.63 -0.60 4.03
CA MET B 154 -16.87 0.55 3.16
C MET B 154 -17.91 0.25 2.09
N SER B 155 -17.81 -0.92 1.44
CA SER B 155 -18.80 -1.29 0.44
C SER B 155 -20.21 -1.36 1.02
N ALA B 156 -20.35 -1.97 2.21
CA ALA B 156 -21.65 -2.00 2.88
C ALA B 156 -22.19 -0.61 3.24
N TRP B 157 -21.34 0.25 3.81
CA TRP B 157 -21.75 1.61 4.14
C TRP B 157 -22.21 2.36 2.88
N LEU B 158 -21.44 2.23 1.81
CA LEU B 158 -21.81 2.86 0.53
C LEU B 158 -23.19 2.43 0.03
N ARG B 159 -23.54 1.17 0.28
CA ARG B 159 -24.83 0.63 -0.14
C ARG B 159 -25.94 0.83 0.90
N THR B 160 -25.62 1.48 2.01
CA THR B 160 -26.64 1.74 3.03
C THR B 160 -27.40 3.03 2.73
N GLY B 161 -28.71 2.93 2.59
CA GLY B 161 -29.57 4.08 2.43
C GLY B 161 -30.10 4.56 3.77
N LYS B 162 -30.98 5.55 3.75
CA LYS B 162 -31.51 6.12 4.98
C LYS B 162 -32.83 5.46 5.39
N GLY B 165 -32.64 3.34 9.28
CA GLY B 165 -31.99 3.89 10.45
C GLY B 165 -30.66 3.21 10.72
N LYS B 166 -30.10 2.57 9.70
CA LYS B 166 -28.84 1.86 9.84
C LYS B 166 -27.65 2.70 9.37
N ASP B 167 -27.96 3.84 8.77
CA ASP B 167 -26.92 4.69 8.18
C ASP B 167 -26.10 5.44 9.21
N THR B 168 -24.90 5.84 8.79
CA THR B 168 -24.00 6.64 9.60
C THR B 168 -23.32 7.68 8.71
N PRO B 169 -22.75 8.74 9.30
CA PRO B 169 -22.09 9.77 8.47
C PRO B 169 -20.91 9.24 7.66
N ASN B 170 -20.26 8.19 8.13
CA ASN B 170 -19.11 7.61 7.43
C ASN B 170 -18.90 6.15 7.78
N ALA B 171 -17.97 5.48 7.09
CA ALA B 171 -17.64 4.09 7.35
C ALA B 171 -17.09 3.89 8.76
N PHE B 172 -16.26 4.82 9.22
CA PHE B 172 -15.71 4.76 10.56
C PHE B 172 -16.83 4.58 11.58
N ALA B 173 -17.83 5.44 11.50
CA ALA B 173 -18.98 5.36 12.42
C ALA B 173 -19.75 4.05 12.20
N PHE B 174 -19.92 3.67 10.94
CA PHE B 174 -20.57 2.42 10.57
C PHE B 174 -19.92 1.23 11.29
N ALA B 175 -18.60 1.29 11.43
CA ALA B 175 -17.83 0.20 12.05
C ALA B 175 -17.53 0.40 13.54
N HIS B 176 -18.02 1.50 14.11
CA HIS B 176 -17.81 1.76 15.52
C HIS B 176 -19.15 1.99 16.23
N GLU B 177 -20.15 1.19 15.84
CA GLU B 177 -21.48 1.28 16.44
C GLU B 177 -22.07 2.69 16.46
N GLY B 178 -21.89 3.43 15.38
CA GLY B 178 -22.43 4.77 15.25
C GLY B 178 -21.50 5.87 15.74
N LYS B 179 -20.40 5.50 16.36
CA LYS B 179 -19.50 6.49 16.97
C LYS B 179 -18.57 7.14 15.95
N LYS B 180 -18.58 8.46 15.90
CA LYS B 180 -17.64 9.18 15.05
C LYS B 180 -16.26 9.20 15.72
N VAL B 181 -15.24 9.68 15.00
CA VAL B 181 -13.87 9.56 15.49
C VAL B 181 -13.66 10.30 16.82
N TYR B 182 -14.36 11.42 16.99
CA TYR B 182 -14.19 12.24 18.18
C TYR B 182 -14.65 11.52 19.45
N GLU B 183 -15.79 10.82 19.37
CA GLU B 183 -16.26 10.01 20.49
C GLU B 183 -15.31 8.85 20.77
N VAL B 184 -14.84 8.20 19.71
CA VAL B 184 -13.88 7.12 19.89
C VAL B 184 -12.59 7.66 20.51
N CYS B 185 -12.18 8.84 20.10
CA CYS B 185 -11.03 9.50 20.73
C CYS B 185 -11.20 9.66 22.24
N SER B 186 -12.42 9.97 22.68
CA SER B 186 -12.66 10.17 24.11
C SER B 186 -12.68 8.85 24.88
N GLU B 187 -12.79 7.74 24.17
CA GLU B 187 -12.81 6.41 24.80
C GLU B 187 -11.42 5.78 24.79
N ASP B 188 -10.60 6.25 23.86
CA ASP B 188 -9.29 5.64 23.60
C ASP B 188 -8.21 6.71 23.73
N ALA B 189 -7.66 6.84 24.93
CA ALA B 189 -6.69 7.90 25.20
C ALA B 189 -5.43 7.78 24.34
N ASN B 190 -4.94 6.55 24.16
CA ASN B 190 -3.76 6.31 23.33
C ASN B 190 -3.98 6.76 21.89
N PHE B 191 -5.08 6.31 21.27
CA PHE B 191 -5.37 6.70 19.90
C PHE B 191 -5.51 8.22 19.80
N SER B 192 -6.22 8.81 20.77
CA SER B 192 -6.39 10.27 20.80
C SER B 192 -5.05 10.98 20.85
N GLN B 193 -4.18 10.54 21.76
CA GLN B 193 -2.86 11.13 21.90
C GLN B 193 -2.05 11.03 20.61
N LEU B 194 -2.17 9.91 19.90
CA LEU B 194 -1.46 9.74 18.63
C LEU B 194 -1.92 10.76 17.60
N PHE B 195 -3.23 10.94 17.49
CA PHE B 195 -3.81 11.91 16.56
C PHE B 195 -3.28 13.34 16.86
N SER B 196 -3.39 13.78 18.10
CA SER B 196 -2.94 15.12 18.48
C SER B 196 -1.44 15.31 18.24
N GLU B 197 -0.64 14.35 18.69
CA GLU B 197 0.80 14.42 18.46
C GLU B 197 1.11 14.48 16.98
N GLY B 198 0.31 13.77 16.17
CA GLY B 198 0.48 13.75 14.73
C GLY B 198 0.18 15.09 14.08
N MET B 199 -0.89 15.72 14.54
CA MET B 199 -1.23 17.07 14.07
C MET B 199 -0.18 18.07 14.54
N ALA B 200 0.27 17.95 15.79
CA ALA B 200 1.24 18.89 16.32
C ALA B 200 2.55 18.83 15.53
N GLY B 201 2.97 17.61 15.17
CA GLY B 201 4.19 17.42 14.41
C GLY B 201 4.13 18.12 13.06
N ASP B 202 3.00 17.97 12.37
CA ASP B 202 2.82 18.61 11.07
C ASP B 202 2.81 20.13 11.19
N SER B 203 2.15 20.65 12.23
CA SER B 203 2.10 22.09 12.45
C SER B 203 3.50 22.68 12.68
N TRP B 204 4.39 21.90 13.27
CA TRP B 204 5.76 22.37 13.51
C TRP B 204 6.41 22.75 12.19
N LEU B 205 6.31 21.87 11.21
CA LEU B 205 6.91 22.07 9.90
C LEU B 205 6.09 23.01 9.02
N PHE B 206 4.78 22.79 8.96
CA PHE B 206 3.96 23.58 8.08
C PHE B 206 4.03 25.07 8.43
N SER B 207 4.04 25.39 9.72
CA SER B 207 3.98 26.78 10.15
C SER B 207 5.26 27.52 9.75
N ARG B 208 6.40 26.85 9.89
CA ARG B 208 7.67 27.43 9.48
C ARG B 208 7.75 27.67 7.95
N ALA B 209 7.14 26.79 7.15
CA ALA B 209 7.06 27.00 5.71
C ALA B 209 6.09 28.14 5.38
N LEU B 210 4.96 28.15 6.07
CA LEU B 210 3.93 29.17 5.90
C LEU B 210 4.44 30.60 6.08
N VAL B 211 5.11 30.85 7.19
CA VAL B 211 5.57 32.20 7.51
C VAL B 211 6.70 32.66 6.59
N SER B 212 7.37 31.70 5.96
CA SER B 212 8.43 31.99 4.99
C SER B 212 7.83 32.18 3.60
N LYS B 213 7.14 31.15 3.11
CA LYS B 213 6.51 31.21 1.80
C LYS B 213 5.47 32.34 1.68
N CYS B 214 4.75 32.60 2.76
CA CYS B 214 3.65 33.56 2.72
C CYS B 214 3.88 34.77 3.62
N ARG B 215 5.13 35.19 3.72
CA ARG B 215 5.49 36.30 4.60
C ARG B 215 4.62 37.54 4.37
N ASP B 216 4.32 37.86 3.10
CA ASP B 216 3.52 39.03 2.79
C ASP B 216 2.08 38.97 3.33
N ALA B 217 1.56 37.77 3.54
CA ALA B 217 0.21 37.59 4.08
C ALA B 217 0.07 38.02 5.55
N PHE B 218 1.18 38.06 6.27
CA PHE B 218 1.20 38.40 7.70
C PHE B 218 1.64 39.84 7.94
N GLU B 219 2.23 40.45 6.93
CA GLU B 219 2.65 41.84 7.02
C GLU B 219 1.40 42.72 7.14
N GLY B 220 1.41 43.63 8.12
CA GLY B 220 0.26 44.51 8.33
C GLY B 220 -0.72 44.09 9.42
N LEU B 221 -0.71 42.82 9.82
CA LEU B 221 -1.66 42.32 10.82
C LEU B 221 -1.23 42.65 12.26
N SER B 222 -2.21 42.93 13.13
CA SER B 222 -1.94 43.15 14.55
CA SER B 222 -1.93 43.14 14.55
C SER B 222 -2.57 42.05 15.42
N SER B 223 -3.42 41.24 14.81
CA SER B 223 -4.11 40.18 15.54
C SER B 223 -4.52 39.03 14.62
N LEU B 224 -4.50 37.81 15.14
CA LEU B 224 -4.92 36.64 14.37
C LEU B 224 -5.55 35.60 15.30
N VAL B 225 -6.65 35.00 14.87
CA VAL B 225 -7.23 33.90 15.63
CA VAL B 225 -7.27 33.90 15.61
C VAL B 225 -7.05 32.60 14.87
N ASP B 226 -6.52 31.60 15.58
CA ASP B 226 -6.08 30.33 15.02
C ASP B 226 -7.12 29.28 15.43
N VAL B 227 -8.13 29.08 14.59
CA VAL B 227 -9.26 28.22 14.94
C VAL B 227 -8.90 26.74 14.80
N GLY B 228 -9.05 25.99 15.88
CA GLY B 228 -8.60 24.62 15.93
C GLY B 228 -7.10 24.55 16.16
N GLY B 229 -6.53 25.62 16.72
CA GLY B 229 -5.09 25.71 16.90
C GLY B 229 -4.45 24.85 17.97
N GLY B 230 -5.25 24.04 18.66
CA GLY B 230 -4.73 23.04 19.58
C GLY B 230 -3.71 23.50 20.62
N THR B 231 -2.53 22.88 20.58
CA THR B 231 -1.48 23.18 21.56
C THR B 231 -0.65 24.41 21.18
N GLY B 232 -1.06 25.08 20.09
CA GLY B 232 -0.47 26.36 19.70
C GLY B 232 0.80 26.31 18.87
N ASN B 233 1.10 25.16 18.26
CA ASN B 233 2.32 25.02 17.45
C ASN B 233 2.38 25.98 16.27
N THR B 234 1.25 26.14 15.60
CA THR B 234 1.15 27.09 14.50
C THR B 234 1.29 28.56 14.96
N SER B 235 0.49 28.94 15.95
CA SER B 235 0.49 30.31 16.46
C SER B 235 1.80 30.72 17.11
N LYS B 236 2.43 29.80 17.82
CA LYS B 236 3.74 30.05 18.38
C LYS B 236 4.69 30.56 17.28
N VAL B 237 4.69 29.88 16.14
CA VAL B 237 5.62 30.21 15.05
C VAL B 237 5.25 31.55 14.39
N ILE B 238 3.96 31.78 14.18
CA ILE B 238 3.52 33.06 13.67
C ILE B 238 3.99 34.19 14.61
N ALA B 239 3.79 33.99 15.91
CA ALA B 239 4.06 35.01 16.91
C ALA B 239 5.54 35.30 17.02
N GLU B 240 6.35 34.25 16.95
CA GLU B 240 7.80 34.38 16.99
C GLU B 240 8.34 35.05 15.75
N THR B 241 7.70 34.78 14.61
CA THR B 241 8.15 35.33 13.33
C THR B 241 7.70 36.77 13.12
N PHE B 242 6.48 37.09 13.58
CA PHE B 242 5.89 38.41 13.39
C PHE B 242 5.50 38.98 14.75
N PRO B 243 6.44 39.70 15.38
CA PRO B 243 6.38 40.10 16.79
C PRO B 243 5.23 41.04 17.12
N ASN B 244 4.56 41.57 16.11
CA ASN B 244 3.47 42.50 16.34
C ASN B 244 2.08 41.86 16.24
N ILE B 245 2.03 40.56 15.98
CA ILE B 245 0.74 39.87 15.87
C ILE B 245 0.34 39.23 17.19
N HIS B 246 -0.79 39.68 17.72
CA HIS B 246 -1.41 39.05 18.88
C HIS B 246 -2.21 37.81 18.45
N CYS B 247 -1.67 36.63 18.72
CA CYS B 247 -2.31 35.39 18.30
C CYS B 247 -3.17 34.78 19.39
N THR B 248 -4.41 34.43 19.02
CA THR B 248 -5.29 33.73 19.93
C THR B 248 -5.68 32.37 19.37
N VAL B 249 -5.34 31.30 20.08
CA VAL B 249 -5.80 29.97 19.70
C VAL B 249 -7.20 29.73 20.24
N PHE B 250 -8.12 29.41 19.34
CA PHE B 250 -9.51 29.17 19.69
C PHE B 250 -9.84 27.71 19.39
N ASP B 251 -10.12 26.94 20.43
CA ASP B 251 -10.30 25.50 20.26
C ASP B 251 -11.16 24.91 21.36
N LEU B 252 -11.63 23.68 21.15
CA LEU B 252 -12.46 23.00 22.13
C LEU B 252 -11.63 22.68 23.37
N GLY B 258 -1.64 17.90 26.16
CA GLY B 258 -0.35 18.30 26.67
C GLY B 258 -0.23 19.80 26.90
N PRO B 259 0.80 20.23 27.64
CA PRO B 259 1.01 21.66 27.94
C PRO B 259 1.01 22.49 26.67
N LYS B 260 0.36 23.66 26.74
CA LYS B 260 0.27 24.55 25.59
C LYS B 260 1.52 25.41 25.46
N GLN B 261 1.88 25.70 24.21
CA GLN B 261 3.01 26.55 23.89
C GLN B 261 2.82 27.92 24.53
N THR B 262 3.92 28.49 25.03
CA THR B 262 3.85 29.83 25.59
C THR B 262 4.61 30.84 24.74
N HIS B 263 4.03 32.03 24.63
CA HIS B 263 4.67 33.17 24.02
C HIS B 263 3.98 34.42 24.55
N PRO B 264 4.74 35.51 24.78
CA PRO B 264 4.11 36.74 25.27
C PRO B 264 2.88 37.17 24.48
N ASN B 265 2.90 36.98 23.15
CA ASN B 265 1.79 37.40 22.29
C ASN B 265 0.87 36.25 21.87
N LEU B 266 0.80 35.22 22.70
CA LEU B 266 -0.02 34.05 22.35
C LEU B 266 -0.94 33.71 23.51
N ASP B 267 -2.24 33.77 23.27
CA ASP B 267 -3.18 33.33 24.30
C ASP B 267 -4.22 32.36 23.76
N TYR B 268 -5.04 31.83 24.66
CA TYR B 268 -5.97 30.75 24.34
C TYR B 268 -7.39 31.08 24.78
N GLU B 269 -8.35 30.75 23.93
CA GLU B 269 -9.77 30.88 24.25
C GLU B 269 -10.49 29.58 23.94
N SER B 270 -11.31 29.12 24.88
CA SER B 270 -12.06 27.89 24.70
C SER B 270 -13.39 28.18 23.97
N GLY B 271 -13.75 27.30 23.03
CA GLY B 271 -14.98 27.50 22.30
C GLY B 271 -15.26 26.48 21.22
N ASN B 272 -16.53 26.44 20.79
CA ASN B 272 -16.94 25.57 19.70
C ASN B 272 -17.07 26.40 18.43
N MET B 273 -16.18 26.19 17.47
CA MET B 273 -16.17 26.99 16.24
C MET B 273 -17.49 26.95 15.47
N PHE B 274 -18.23 25.85 15.62
CA PHE B 274 -19.53 25.72 14.97
C PHE B 274 -20.67 26.44 15.70
N THR B 275 -20.66 26.42 17.03
CA THR B 275 -21.79 26.94 17.80
C THR B 275 -21.43 28.06 18.77
N ASP B 276 -20.14 28.36 18.89
CA ASP B 276 -19.71 29.52 19.68
C ASP B 276 -19.12 30.58 18.74
N GLU B 277 -19.21 31.84 19.14
CA GLU B 277 -18.71 32.93 18.32
C GLU B 277 -17.17 32.99 18.30
N ILE B 278 -16.63 33.06 17.09
CA ILE B 278 -15.18 33.20 16.91
C ILE B 278 -14.70 34.58 17.31
N PRO B 279 -13.63 34.65 18.14
CA PRO B 279 -13.09 35.94 18.61
C PRO B 279 -12.72 36.84 17.43
N HIS B 280 -12.88 38.14 17.62
CA HIS B 280 -12.56 39.10 16.56
C HIS B 280 -11.05 39.25 16.40
N ALA B 281 -10.61 39.46 15.17
CA ALA B 281 -9.19 39.66 14.89
C ALA B 281 -9.01 40.17 13.46
N ASP B 282 -7.79 40.64 13.16
CA ASP B 282 -7.44 41.11 11.82
C ASP B 282 -7.49 39.99 10.79
N ALA B 283 -7.27 38.76 11.26
CA ALA B 283 -7.26 37.60 10.40
C ALA B 283 -7.81 36.40 11.14
N VAL B 284 -8.58 35.58 10.44
CA VAL B 284 -9.06 34.32 11.01
C VAL B 284 -8.40 33.19 10.22
N LEU B 285 -7.71 32.30 10.95
CA LEU B 285 -6.91 31.23 10.33
C LEU B 285 -7.52 29.84 10.56
N PHE B 286 -7.69 29.10 9.46
CA PHE B 286 -8.10 27.69 9.53
C PHE B 286 -6.99 26.82 8.91
N LYS B 287 -6.17 26.20 9.74
CA LYS B 287 -5.12 25.30 9.24
C LYS B 287 -5.58 23.84 9.32
N TRP B 288 -5.80 23.24 8.16
CA TRP B 288 -6.17 21.83 8.09
C TRP B 288 -7.43 21.54 8.90
N VAL B 289 -8.39 22.45 8.87
CA VAL B 289 -9.59 22.31 9.67
C VAL B 289 -10.85 22.17 8.83
N LEU B 290 -10.99 23.03 7.81
CA LEU B 290 -12.20 23.02 7.00
C LEU B 290 -12.32 21.74 6.16
N CYS B 291 -11.18 21.12 5.88
CA CYS B 291 -11.16 19.87 5.13
C CYS B 291 -11.84 18.71 5.88
N ASP B 292 -12.10 18.86 7.18
CA ASP B 292 -12.67 17.77 7.97
C ASP B 292 -14.19 17.73 7.86
N TRP B 293 -14.78 18.77 7.27
CA TRP B 293 -16.21 18.99 7.36
C TRP B 293 -16.87 19.26 6.00
N PRO B 294 -18.18 18.94 5.88
CA PRO B 294 -18.95 19.16 4.66
C PRO B 294 -19.40 20.63 4.46
N ASP B 295 -19.92 20.91 3.28
CA ASP B 295 -20.19 22.27 2.86
C ASP B 295 -21.17 23.03 3.75
N GLU B 296 -22.21 22.35 4.22
CA GLU B 296 -23.25 23.00 5.03
C GLU B 296 -22.70 23.69 6.30
N PRO B 297 -22.05 22.93 7.20
CA PRO B 297 -21.49 23.60 8.39
C PRO B 297 -20.32 24.54 8.05
N VAL B 298 -19.55 24.23 7.02
CA VAL B 298 -18.47 25.14 6.62
C VAL B 298 -19.01 26.49 6.14
N LEU B 299 -20.01 26.45 5.26
CA LEU B 299 -20.62 27.69 4.76
C LEU B 299 -21.18 28.51 5.93
N LYS B 300 -21.90 27.84 6.82
CA LYS B 300 -22.51 28.53 7.96
C LYS B 300 -21.43 29.26 8.75
N MET B 301 -20.30 28.59 8.96
CA MET B 301 -19.20 29.17 9.70
C MET B 301 -18.50 30.32 8.94
N LEU B 302 -18.40 30.18 7.62
CA LEU B 302 -17.80 31.24 6.80
C LEU B 302 -18.67 32.49 6.80
N LYS B 303 -19.98 32.31 6.75
CA LYS B 303 -20.91 33.42 6.78
C LYS B 303 -20.74 34.16 8.09
N GLN B 304 -20.56 33.40 9.16
CA GLN B 304 -20.31 34.01 10.45
C GLN B 304 -18.97 34.73 10.44
N CYS B 305 -17.99 34.17 9.75
CA CYS B 305 -16.68 34.81 9.67
C CYS B 305 -16.74 36.10 8.88
N LYS B 306 -17.56 36.12 7.84
CA LYS B 306 -17.72 37.31 7.00
C LYS B 306 -18.35 38.46 7.77
N LYS B 307 -19.32 38.12 8.61
CA LYS B 307 -19.95 39.12 9.46
C LYS B 307 -18.90 39.72 10.40
N ALA B 308 -18.14 38.86 11.07
CA ALA B 308 -17.13 39.33 12.02
C ALA B 308 -16.06 40.18 11.34
N LEU B 309 -15.44 39.62 10.31
CA LEU B 309 -14.36 40.30 9.58
C LEU B 309 -14.80 41.63 8.95
N THR B 310 -16.10 41.86 8.85
CA THR B 310 -16.60 43.18 8.47
C THR B 310 -17.21 43.89 9.68
N VAL B 314 -15.07 48.01 8.87
CA VAL B 314 -13.64 47.69 8.78
C VAL B 314 -13.47 46.20 8.48
N LYS B 315 -12.69 45.89 7.44
CA LYS B 315 -12.51 44.50 7.00
C LYS B 315 -11.24 43.84 7.54
N GLY B 316 -11.36 42.56 7.88
CA GLY B 316 -10.20 41.71 8.13
C GLY B 316 -10.11 40.75 6.97
N LYS B 317 -9.40 39.63 7.16
CA LYS B 317 -9.37 38.62 6.13
C LYS B 317 -9.39 37.21 6.68
N LEU B 318 -9.89 36.31 5.86
CA LEU B 318 -9.92 34.89 6.14
C LEU B 318 -8.64 34.27 5.59
N MET B 319 -8.05 33.37 6.37
CA MET B 319 -6.84 32.68 5.95
C MET B 319 -7.03 31.17 6.08
N ILE B 320 -6.95 30.46 4.97
CA ILE B 320 -7.19 29.03 4.96
C ILE B 320 -5.93 28.33 4.49
N ALA B 321 -5.35 27.52 5.38
CA ALA B 321 -4.13 26.79 5.08
C ALA B 321 -4.50 25.34 4.92
N ASP B 322 -4.63 24.89 3.67
CA ASP B 322 -5.31 23.63 3.41
C ASP B 322 -5.07 23.18 1.95
N HIS B 323 -5.73 22.11 1.53
CA HIS B 323 -5.53 21.58 0.19
C HIS B 323 -6.42 22.27 -0.82
N VAL B 324 -5.83 22.67 -1.95
CA VAL B 324 -6.60 22.99 -3.13
C VAL B 324 -6.24 21.86 -4.11
N LEU B 325 -7.13 20.87 -4.21
CA LEU B 325 -6.82 19.59 -4.84
C LEU B 325 -6.14 19.74 -6.20
N ASP B 326 -6.67 20.62 -7.04
CA ASP B 326 -6.24 20.74 -8.42
C ASP B 326 -5.28 21.90 -8.65
N HIS B 327 -4.62 22.38 -7.60
CA HIS B 327 -3.74 23.53 -7.75
C HIS B 327 -2.46 23.16 -8.52
N GLU B 328 -1.94 24.10 -9.30
CA GLU B 328 -0.77 23.86 -10.15
C GLU B 328 0.41 23.36 -9.31
N SER B 329 0.51 23.85 -8.09
CA SER B 329 1.66 23.56 -7.22
C SER B 329 1.71 22.09 -6.74
N CYS B 330 0.61 21.37 -6.84
CA CYS B 330 0.58 19.97 -6.42
C CYS B 330 -0.13 19.09 -7.44
N ASN B 331 0.07 19.40 -8.72
CA ASN B 331 -0.67 18.72 -9.78
C ASN B 331 0.10 17.58 -10.44
N ASP B 332 1.32 17.31 -9.99
CA ASP B 332 2.10 16.20 -10.54
C ASP B 332 1.49 14.89 -10.06
N SER B 333 1.67 13.80 -10.79
CA SER B 333 0.92 12.58 -10.49
C SER B 333 1.22 12.01 -9.10
N ASN B 334 2.47 12.07 -8.68
CA ASN B 334 2.80 11.66 -7.31
C ASN B 334 2.01 12.48 -6.28
N SER B 335 2.02 13.80 -6.42
CA SER B 335 1.29 14.62 -5.47
C SER B 335 -0.22 14.34 -5.55
N MET B 336 -0.74 14.19 -6.77
CA MET B 336 -2.17 13.95 -6.94
C MET B 336 -2.57 12.63 -6.31
N GLY B 337 -1.73 11.62 -6.48
CA GLY B 337 -1.99 10.32 -5.89
C GLY B 337 -2.12 10.41 -4.37
N THR B 338 -1.17 11.08 -3.74
CA THR B 338 -1.22 11.24 -2.29
C THR B 338 -2.44 12.08 -1.84
N SER B 339 -2.73 13.15 -2.56
CA SER B 339 -3.92 13.97 -2.30
C SER B 339 -5.19 13.13 -2.35
N LEU B 340 -5.30 12.29 -3.36
CA LEU B 340 -6.50 11.47 -3.53
C LEU B 340 -6.59 10.40 -2.45
N ILE B 341 -5.43 9.90 -2.03
CA ILE B 341 -5.37 8.97 -0.89
C ILE B 341 -5.86 9.66 0.39
N LEU B 342 -5.44 10.90 0.63
CA LEU B 342 -5.99 11.66 1.76
C LEU B 342 -7.52 11.85 1.63
N ASP B 343 -7.99 12.13 0.42
CA ASP B 343 -9.43 12.28 0.19
C ASP B 343 -10.20 11.04 0.61
N MET B 344 -9.62 9.87 0.30
CA MET B 344 -10.22 8.58 0.68
C MET B 344 -10.14 8.38 2.19
N LEU B 345 -8.98 8.66 2.78
CA LEU B 345 -8.82 8.60 4.22
C LEU B 345 -9.89 9.47 4.90
N PHE B 346 -9.96 10.73 4.49
CA PHE B 346 -10.96 11.67 5.04
C PHE B 346 -12.40 11.17 4.82
N MET B 347 -12.67 10.68 3.61
CA MET B 347 -13.99 10.11 3.33
C MET B 347 -14.38 9.02 4.35
N SER B 348 -13.40 8.21 4.76
CA SER B 348 -13.72 7.08 5.64
C SER B 348 -13.94 7.48 7.11
N PHE B 349 -13.18 8.44 7.64
CA PHE B 349 -13.20 8.66 9.09
C PHE B 349 -13.52 10.09 9.52
N LEU B 350 -13.51 11.01 8.57
CA LEU B 350 -13.90 12.38 8.83
C LEU B 350 -15.22 12.64 8.12
N GLU B 351 -15.58 13.91 7.96
CA GLU B 351 -16.79 14.26 7.24
C GLU B 351 -16.48 15.27 6.13
N GLY B 352 -15.22 15.37 5.73
CA GLY B 352 -14.82 16.32 4.71
C GLY B 352 -14.14 15.67 3.51
N SER B 353 -13.36 16.47 2.79
CA SER B 353 -12.74 16.03 1.54
C SER B 353 -11.69 17.04 1.16
N LEU B 354 -10.92 16.76 0.11
CA LEU B 354 -9.99 17.75 -0.43
C LEU B 354 -10.67 18.51 -1.57
N ARG B 355 -10.97 19.78 -1.35
CA ARG B 355 -11.73 20.57 -2.30
C ARG B 355 -10.87 21.11 -3.43
N THR B 356 -11.46 21.20 -4.62
CA THR B 356 -10.84 21.87 -5.76
C THR B 356 -11.03 23.39 -5.62
N GLU B 357 -10.26 24.17 -6.36
CA GLU B 357 -10.41 25.62 -6.36
C GLU B 357 -11.85 26.01 -6.65
N LYS B 358 -12.47 25.32 -7.60
CA LYS B 358 -13.84 25.62 -7.99
C LYS B 358 -14.82 25.45 -6.82
N GLN B 359 -14.63 24.37 -6.07
CA GLN B 359 -15.45 24.09 -4.88
C GLN B 359 -15.25 25.14 -3.78
N TRP B 360 -13.99 25.48 -3.52
CA TRP B 360 -13.66 26.56 -2.59
C TRP B 360 -14.29 27.88 -3.02
N ALA B 361 -14.09 28.25 -4.29
CA ALA B 361 -14.59 29.53 -4.80
C ALA B 361 -16.11 29.65 -4.66
N LYS B 362 -16.82 28.54 -4.86
CA LYS B 362 -18.26 28.55 -4.71
C LYS B 362 -18.68 28.83 -3.26
N LEU B 363 -18.00 28.18 -2.31
CA LEU B 363 -18.22 28.45 -0.88
C LEU B 363 -17.94 29.92 -0.55
N PHE B 364 -16.78 30.42 -0.97
CA PHE B 364 -16.44 31.84 -0.75
C PHE B 364 -17.53 32.77 -1.29
N ALA B 365 -17.97 32.50 -2.52
CA ALA B 365 -19.01 33.32 -3.14
C ALA B 365 -20.30 33.28 -2.32
N GLU B 366 -20.72 32.07 -1.97
CA GLU B 366 -21.96 31.87 -1.23
C GLU B 366 -21.90 32.48 0.18
N ALA B 367 -20.72 32.48 0.79
CA ALA B 367 -20.54 33.05 2.12
C ALA B 367 -20.51 34.58 2.11
N GLY B 368 -20.42 35.17 0.91
CA GLY B 368 -20.46 36.62 0.77
C GLY B 368 -19.09 37.27 0.60
N PHE B 369 -18.05 36.46 0.42
CA PHE B 369 -16.71 37.01 0.20
C PHE B 369 -16.53 37.44 -1.25
N LYS B 370 -15.62 38.38 -1.48
CA LYS B 370 -15.53 39.03 -2.79
C LYS B 370 -14.31 38.67 -3.64
N ASP B 371 -13.24 38.20 -3.01
CA ASP B 371 -11.98 38.00 -3.72
C ASP B 371 -11.15 37.01 -2.92
N TYR B 372 -10.29 36.26 -3.58
CA TYR B 372 -9.34 35.42 -2.87
C TYR B 372 -8.02 35.35 -3.64
N LYS B 373 -6.96 34.99 -2.93
CA LYS B 373 -5.63 34.85 -3.49
C LYS B 373 -4.97 33.58 -2.92
N ILE B 374 -4.44 32.74 -3.80
CA ILE B 374 -3.81 31.50 -3.39
C ILE B 374 -2.28 31.60 -3.49
N THR B 375 -1.59 31.26 -2.41
CA THR B 375 -0.13 31.22 -2.38
C THR B 375 0.33 29.85 -1.94
N PRO B 376 1.12 29.18 -2.80
CA PRO B 376 1.56 27.81 -2.49
C PRO B 376 2.45 27.78 -1.25
N VAL B 377 2.33 26.73 -0.46
CA VAL B 377 3.21 26.58 0.70
C VAL B 377 4.10 25.36 0.53
N GLY B 378 3.48 24.19 0.44
CA GLY B 378 4.19 22.93 0.30
C GLY B 378 3.39 21.85 0.98
N GLY B 379 3.91 20.62 0.97
CA GLY B 379 3.20 19.52 1.61
C GLY B 379 1.77 19.37 1.11
N LEU B 380 1.59 19.54 -0.21
CA LEU B 380 0.31 19.37 -0.90
C LEU B 380 -0.68 20.50 -0.62
N ARG B 381 -0.23 21.50 0.10
CA ARG B 381 -1.13 22.52 0.63
C ARG B 381 -0.75 23.95 0.23
N VAL B 382 -1.71 24.86 0.36
CA VAL B 382 -1.50 26.25 0.01
C VAL B 382 -2.10 27.14 1.09
N LEU B 383 -1.89 28.45 0.96
CA LEU B 383 -2.61 29.45 1.75
C LEU B 383 -3.64 30.13 0.85
N ILE B 384 -4.89 30.18 1.30
CA ILE B 384 -5.90 30.97 0.60
C ILE B 384 -6.24 32.17 1.47
N GLU B 385 -5.96 33.38 0.98
CA GLU B 385 -6.41 34.60 1.64
C GLU B 385 -7.73 34.97 1.00
N VAL B 386 -8.75 35.20 1.82
CA VAL B 386 -10.09 35.45 1.30
C VAL B 386 -10.60 36.77 1.88
N TYR B 387 -11.02 37.68 0.99
N TYR B 387 -11.00 37.69 0.99
CA TYR B 387 -11.38 39.03 1.37
CA TYR B 387 -11.37 39.03 1.41
C TYR B 387 -12.90 39.24 1.35
C TYR B 387 -12.88 39.26 1.36
N PRO B 388 -13.45 39.76 2.45
CA PRO B 388 -14.90 39.99 2.54
C PRO B 388 -15.33 41.28 1.83
#